data_5MCL
#
_entry.id   5MCL
#
_cell.length_a   127.635
_cell.length_b   46.785
_cell.length_c   174.713
_cell.angle_alpha   90.000
_cell.angle_beta   108.220
_cell.angle_gamma   90.000
#
_symmetry.space_group_name_H-M   'C 1 2 1'
#
loop_
_entity.id
_entity.type
_entity.pdbx_description
1 polymer 'Cellobiohydrolase CHBI'
2 non-polymer GLYCEROL
3 non-polymer 'SULFATE ION'
4 water water
#
_entity_poly.entity_id   1
_entity_poly.type   'polypeptide(L)'
_entity_poly.pdbx_seq_one_letter_code
;(PCA)NVGTQAAEEPLNLPISVCTAPGNCQTEADAVVLDSNWRWAHTTTGYTNCYTGNLWDTTLCPTPETCTTNCAIDGV
PLADWSGTYGGSVTGNKFNLKFVTVGPYSTNIGARTFLLDSTKTRYRMFQLLNREFTYDVDVSSLDCGLNGALYFVSMDA
DGGAAKYPTNKGGAKYGTGYCDAQCPHDVKWINGLANSKDWTPIPGDANSGKGYYGNCCAELDIWEANKQSQAFTTHPCT
PNDQTRCEGVVCGDNDSGDRYNGMCDKDGCDFASYRMNDHTFYGPGSTFKLDSTKPFTVVSQFITTDGTDNGDFKEFRRF
YVQNGVRIENSKVNFPGITAYDSITDEMCAATKGLFGDLDDHKNKGGMKQMGEAMRKGMALVMSIWDDHDVNMLWLDSNY
PPTGNPSTPGVARGPCPTTSGVPSEVEVTQANAVVSFGNIKFGPIGSTV
;
_entity_poly.pdbx_strand_id   A,B
#
loop_
_chem_comp.id
_chem_comp.type
_chem_comp.name
_chem_comp.formula
GOL non-polymer GLYCEROL 'C3 H8 O3'
SO4 non-polymer 'SULFATE ION' 'O4 S -2'
#
# COMPACT_ATOMS: atom_id res chain seq x y z
N PCA A 1 -17.59 -9.72 0.46
CA PCA A 1 -18.96 -9.79 0.98
CB PCA A 1 -19.81 -8.99 -0.01
CG PCA A 1 -18.90 -8.70 -1.19
CD PCA A 1 -17.54 -9.19 -0.75
OE PCA A 1 -16.55 -9.08 -1.44
C PCA A 1 -19.51 -11.18 1.07
O PCA A 1 -19.29 -12.00 0.18
N ASN A 2 -20.24 -11.46 2.16
CA ASN A 2 -21.11 -12.64 2.22
C ASN A 2 -22.26 -12.46 1.23
N VAL A 3 -22.87 -13.58 0.85
CA VAL A 3 -24.03 -13.61 -0.04
C VAL A 3 -25.29 -13.80 0.80
N GLY A 4 -26.31 -12.98 0.55
CA GLY A 4 -27.59 -13.04 1.28
C GLY A 4 -28.50 -14.11 0.71
N THR A 5 -29.53 -14.46 1.46
CA THR A 5 -30.46 -15.53 1.09
C THR A 5 -31.86 -15.02 0.73
N GLN A 6 -32.05 -13.72 0.62
CA GLN A 6 -33.38 -13.16 0.37
C GLN A 6 -33.86 -13.24 -1.08
N ALA A 7 -32.94 -13.22 -2.04
CA ALA A 7 -33.28 -13.22 -3.44
C ALA A 7 -32.21 -13.92 -4.27
N ALA A 8 -32.64 -14.83 -5.13
CA ALA A 8 -31.75 -15.48 -6.09
C ALA A 8 -31.14 -14.45 -7.03
N GLU A 9 -29.90 -14.71 -7.42
CA GLU A 9 -29.23 -13.87 -8.39
C GLU A 9 -29.51 -14.44 -9.76
N GLU A 10 -30.07 -13.60 -10.63
CA GLU A 10 -30.51 -14.01 -11.96
C GLU A 10 -30.00 -12.98 -12.97
N PRO A 11 -28.84 -13.26 -13.59
CA PRO A 11 -28.31 -12.33 -14.59
C PRO A 11 -29.17 -12.36 -15.86
N LEU A 12 -29.14 -11.27 -16.64
CA LEU A 12 -29.90 -11.22 -17.90
C LEU A 12 -29.11 -11.92 -19.00
N ASN A 13 -29.74 -12.85 -19.72
CA ASN A 13 -29.08 -13.50 -20.87
C ASN A 13 -28.80 -12.49 -21.97
N LEU A 14 -27.58 -12.53 -22.50
CA LEU A 14 -27.17 -11.66 -23.59
C LEU A 14 -26.24 -12.43 -24.52
N PRO A 15 -26.77 -12.89 -25.67
CA PRO A 15 -25.89 -13.55 -26.64
C PRO A 15 -24.98 -12.53 -27.36
N ILE A 16 -23.71 -12.91 -27.54
CA ILE A 16 -22.79 -12.19 -28.41
C ILE A 16 -22.33 -13.13 -29.52
N SER A 17 -21.61 -12.58 -30.50
CA SER A 17 -21.09 -13.39 -31.60
C SER A 17 -19.58 -13.44 -31.51
N VAL A 18 -19.03 -14.63 -31.70
CA VAL A 18 -17.60 -14.81 -31.86
C VAL A 18 -17.38 -15.19 -33.32
N CYS A 19 -16.54 -14.43 -34.02
CA CYS A 19 -16.42 -14.51 -35.47
C CYS A 19 -15.06 -15.04 -35.92
N THR A 20 -15.04 -15.75 -37.04
CA THR A 20 -13.80 -16.20 -37.69
C THR A 20 -13.52 -15.50 -39.03
N ALA A 21 -14.58 -15.01 -39.71
CA ALA A 21 -14.44 -14.28 -40.97
C ALA A 21 -15.68 -13.43 -41.18
N PRO A 22 -15.65 -12.47 -42.13
CA PRO A 22 -16.81 -11.56 -42.27
C PRO A 22 -18.12 -12.34 -42.50
N GLY A 23 -19.14 -12.07 -41.68
CA GLY A 23 -20.41 -12.80 -41.76
C GLY A 23 -20.38 -14.30 -41.40
N ASN A 24 -19.30 -14.74 -40.74
CA ASN A 24 -19.17 -16.13 -40.28
C ASN A 24 -18.87 -16.09 -38.77
N CYS A 25 -19.95 -16.11 -38.00
CA CYS A 25 -19.89 -15.98 -36.54
C CYS A 25 -20.74 -17.07 -35.89
N GLN A 26 -20.42 -17.38 -34.64
CA GLN A 26 -21.24 -18.29 -33.83
C GLN A 26 -21.65 -17.60 -32.53
N THR A 27 -22.82 -17.97 -32.04
CA THR A 27 -23.38 -17.36 -30.83
C THR A 27 -22.63 -17.86 -29.59
N GLU A 28 -22.36 -16.94 -28.67
CA GLU A 28 -21.82 -17.26 -27.35
C GLU A 28 -22.86 -16.79 -26.34
N ALA A 29 -23.38 -17.72 -25.54
CA ALA A 29 -24.55 -17.48 -24.69
C ALA A 29 -24.11 -16.90 -23.34
N ASP A 30 -23.83 -15.61 -23.35
CA ASP A 30 -23.30 -14.90 -22.19
C ASP A 30 -24.45 -14.27 -21.40
N ALA A 31 -24.12 -13.47 -20.39
CA ALA A 31 -25.12 -12.84 -19.55
C ALA A 31 -24.59 -11.57 -18.90
N VAL A 32 -25.49 -10.77 -18.35
CA VAL A 32 -25.15 -9.49 -17.74
C VAL A 32 -25.44 -9.51 -16.25
N VAL A 33 -24.46 -9.09 -15.45
CA VAL A 33 -24.56 -9.08 -14.00
C VAL A 33 -24.43 -7.64 -13.49
N LEU A 34 -25.22 -7.29 -12.47
CA LEU A 34 -25.18 -5.97 -11.86
C LEU A 34 -24.02 -5.86 -10.87
N ASP A 35 -23.32 -4.72 -10.93
CA ASP A 35 -22.22 -4.41 -10.02
C ASP A 35 -22.71 -4.42 -8.57
N SER A 36 -21.86 -4.96 -7.69
CA SER A 36 -22.21 -5.16 -6.27
C SER A 36 -22.58 -3.87 -5.50
N ASN A 37 -22.10 -2.71 -5.96
CA ASN A 37 -22.50 -1.41 -5.39
C ASN A 37 -24.00 -1.15 -5.40
N TRP A 38 -24.69 -1.67 -6.42
CA TRP A 38 -26.13 -1.44 -6.57
C TRP A 38 -26.97 -2.44 -5.78
N ARG A 39 -26.33 -3.41 -5.13
CA ARG A 39 -27.06 -4.47 -4.40
C ARG A 39 -27.45 -4.04 -3.00
N TRP A 40 -28.57 -4.56 -2.55
CA TRP A 40 -29.01 -4.44 -1.17
C TRP A 40 -27.97 -5.12 -0.27
N ALA A 41 -27.45 -4.38 0.72
CA ALA A 41 -26.54 -4.92 1.73
C ALA A 41 -27.25 -4.96 3.08
N HIS A 42 -27.38 -6.16 3.65
CA HIS A 42 -28.15 -6.36 4.89
C HIS A 42 -27.49 -7.41 5.78
N THR A 43 -28.03 -7.56 6.99
CA THR A 43 -27.49 -8.53 7.96
C THR A 43 -27.56 -9.95 7.41
N THR A 44 -26.51 -10.74 7.68
CA THR A 44 -26.42 -12.11 7.16
C THR A 44 -27.56 -13.03 7.62
N THR A 45 -28.07 -12.77 8.83
CA THR A 45 -29.13 -13.59 9.41
C THR A 45 -30.40 -12.76 9.65
N GLY A 46 -30.72 -11.86 8.73
CA GLY A 46 -31.89 -11.00 8.88
C GLY A 46 -32.20 -10.12 7.68
N TYR A 47 -32.91 -9.02 7.96
CA TYR A 47 -33.41 -8.09 6.94
C TYR A 47 -32.91 -6.67 7.14
N THR A 48 -32.06 -6.46 8.14
CA THR A 48 -31.71 -5.10 8.55
C THR A 48 -30.61 -4.59 7.64
N ASN A 49 -30.81 -3.40 7.09
CA ASN A 49 -29.84 -2.76 6.21
C ASN A 49 -28.53 -2.50 6.92
N CYS A 50 -27.43 -2.86 6.25
CA CYS A 50 -26.09 -2.47 6.66
C CYS A 50 -25.70 -1.14 6.02
N TYR A 51 -26.34 -0.81 4.90
CA TYR A 51 -26.10 0.43 4.18
C TYR A 51 -27.46 0.98 3.74
N THR A 52 -27.72 2.25 4.06
CA THR A 52 -28.96 2.91 3.66
C THR A 52 -28.66 4.31 3.17
N GLY A 53 -29.20 4.66 2.01
CA GLY A 53 -28.97 5.96 1.40
C GLY A 53 -27.51 6.06 1.00
N ASN A 54 -26.72 6.80 1.79
CA ASN A 54 -25.29 6.95 1.53
C ASN A 54 -24.41 6.70 2.77
N LEU A 55 -24.93 5.93 3.74
CA LEU A 55 -24.26 5.66 5.02
C LEU A 55 -24.30 4.18 5.38
N TRP A 56 -23.20 3.68 5.94
CA TRP A 56 -23.18 2.37 6.58
C TRP A 56 -23.76 2.49 7.98
N ASP A 57 -24.36 1.43 8.47
CA ASP A 57 -24.86 1.38 9.83
C ASP A 57 -23.66 1.26 10.78
N THR A 58 -23.49 2.23 11.68
CA THR A 58 -22.29 2.27 12.55
C THR A 58 -22.28 1.19 13.64
N THR A 59 -23.45 0.70 14.03
CA THR A 59 -23.55 -0.39 14.99
C THR A 59 -23.14 -1.71 14.34
N LEU A 60 -23.60 -1.94 13.10
CA LEU A 60 -23.25 -3.16 12.38
C LEU A 60 -21.84 -3.12 11.75
N CYS A 61 -21.37 -1.91 11.44
CA CYS A 61 -20.12 -1.72 10.70
C CYS A 61 -19.16 -0.75 11.39
N PRO A 62 -18.82 -1.02 12.68
CA PRO A 62 -17.86 -0.15 13.38
C PRO A 62 -16.45 -0.28 12.79
N THR A 63 -16.13 -1.45 12.23
CA THR A 63 -14.91 -1.66 11.46
C THR A 63 -15.27 -2.41 10.19
N PRO A 64 -14.42 -2.33 9.16
CA PRO A 64 -14.65 -3.12 7.94
C PRO A 64 -14.82 -4.63 8.19
N GLU A 65 -14.00 -5.16 9.10
CA GLU A 65 -13.97 -6.60 9.40
C GLU A 65 -15.28 -7.03 10.05
N THR A 66 -15.74 -6.24 11.02
CA THR A 66 -17.03 -6.49 11.68
C THR A 66 -18.20 -6.34 10.71
N CYS A 67 -18.16 -5.28 9.90
CA CYS A 67 -19.14 -5.04 8.85
C CYS A 67 -19.25 -6.27 7.93
N THR A 68 -18.10 -6.78 7.52
CA THR A 68 -18.04 -7.90 6.59
C THR A 68 -18.60 -9.19 7.23
N THR A 69 -18.31 -9.39 8.50
CA THR A 69 -18.87 -10.52 9.25
C THR A 69 -20.38 -10.41 9.37
N ASN A 70 -20.89 -9.21 9.67
CA ASN A 70 -22.31 -9.02 9.97
C ASN A 70 -23.22 -8.91 8.75
N CYS A 71 -22.65 -8.60 7.59
CA CYS A 71 -23.44 -8.15 6.45
C CYS A 71 -23.29 -9.05 5.22
N ALA A 72 -24.24 -8.91 4.30
CA ALA A 72 -24.26 -9.67 3.06
C ALA A 72 -24.91 -8.86 1.95
N ILE A 73 -24.50 -9.12 0.71
CA ILE A 73 -25.11 -8.54 -0.50
C ILE A 73 -26.07 -9.58 -1.09
N ASP A 74 -27.18 -9.13 -1.66
CA ASP A 74 -28.18 -10.06 -2.12
C ASP A 74 -28.36 -10.05 -3.63
N GLY A 75 -29.17 -10.97 -4.13
CA GLY A 75 -29.28 -11.21 -5.56
C GLY A 75 -30.24 -10.25 -6.22
N VAL A 76 -30.14 -10.18 -7.55
CA VAL A 76 -31.07 -9.44 -8.39
C VAL A 76 -31.94 -10.47 -9.11
N PRO A 77 -33.23 -10.60 -8.72
CA PRO A 77 -34.12 -11.46 -9.49
C PRO A 77 -34.55 -10.80 -10.80
N LEU A 78 -34.99 -11.63 -11.75
CA LEU A 78 -35.34 -11.18 -13.10
C LEU A 78 -36.32 -10.01 -13.11
N ALA A 79 -37.37 -10.09 -12.29
CA ALA A 79 -38.38 -9.03 -12.20
C ALA A 79 -37.80 -7.67 -11.79
N ASP A 80 -36.80 -7.69 -10.92
CA ASP A 80 -36.18 -6.46 -10.42
C ASP A 80 -35.26 -5.77 -11.42
N TRP A 81 -34.78 -6.50 -12.44
CA TRP A 81 -33.88 -5.90 -13.43
C TRP A 81 -34.48 -4.68 -14.10
N SER A 82 -35.69 -4.83 -14.64
CA SER A 82 -36.40 -3.73 -15.29
C SER A 82 -37.07 -2.82 -14.25
N GLY A 83 -37.83 -3.42 -13.33
CA GLY A 83 -38.60 -2.69 -12.32
C GLY A 83 -37.80 -1.80 -11.38
N THR A 84 -36.63 -2.29 -10.97
CA THR A 84 -35.78 -1.59 -10.00
C THR A 84 -34.54 -0.94 -10.65
N TYR A 85 -33.86 -1.67 -11.53
CA TYR A 85 -32.54 -1.26 -12.03
C TYR A 85 -32.51 -0.69 -13.45
N GLY A 86 -33.63 -0.80 -14.17
CA GLY A 86 -33.73 -0.25 -15.52
C GLY A 86 -32.98 -1.02 -16.59
N GLY A 87 -32.64 -2.28 -16.31
CA GLY A 87 -31.96 -3.14 -17.27
C GLY A 87 -32.92 -4.10 -17.94
N SER A 88 -32.75 -4.28 -19.25
CA SER A 88 -33.53 -5.24 -20.03
C SER A 88 -32.76 -5.70 -21.25
N VAL A 89 -33.13 -6.89 -21.73
CA VAL A 89 -32.56 -7.45 -22.95
C VAL A 89 -33.68 -7.84 -23.90
N THR A 90 -33.51 -7.52 -25.18
CA THR A 90 -34.34 -8.01 -26.27
C THR A 90 -33.41 -8.61 -27.30
N GLY A 91 -33.44 -9.94 -27.44
CA GLY A 91 -32.54 -10.65 -28.35
C GLY A 91 -31.09 -10.40 -27.98
N ASN A 92 -30.33 -9.79 -28.88
CA ASN A 92 -28.92 -9.48 -28.61
C ASN A 92 -28.67 -8.00 -28.22
N LYS A 93 -29.74 -7.28 -27.86
CA LYS A 93 -29.67 -5.88 -27.46
C LYS A 93 -29.89 -5.73 -25.96
N PHE A 94 -29.01 -4.98 -25.31
CA PHE A 94 -29.09 -4.70 -23.87
C PHE A 94 -29.39 -3.21 -23.69
N ASN A 95 -30.41 -2.91 -22.88
CA ASN A 95 -30.85 -1.53 -22.62
C ASN A 95 -30.67 -1.17 -21.16
N LEU A 96 -30.10 0.00 -20.89
CA LEU A 96 -29.93 0.53 -19.53
C LEU A 96 -30.56 1.92 -19.41
N LYS A 97 -31.62 1.99 -18.60
CA LYS A 97 -32.33 3.22 -18.28
C LYS A 97 -31.55 3.96 -17.20
N PHE A 98 -31.47 5.28 -17.33
CA PHE A 98 -30.69 6.10 -16.38
C PHE A 98 -31.34 6.18 -15.00
N VAL A 99 -32.60 6.61 -14.94
CA VAL A 99 -33.35 6.70 -13.68
C VAL A 99 -34.53 5.73 -13.72
N THR A 100 -34.63 4.88 -12.70
CA THR A 100 -35.74 3.93 -12.58
C THR A 100 -36.44 4.10 -11.23
N VAL A 101 -37.70 4.56 -11.29
CA VAL A 101 -38.56 4.74 -10.12
C VAL A 101 -39.56 3.57 -10.06
N SER A 105 -35.87 2.80 -3.83
CA SER A 105 -37.05 2.83 -4.68
C SER A 105 -36.83 3.68 -5.95
N THR A 106 -35.89 4.65 -5.89
CA THR A 106 -35.39 5.33 -7.09
C THR A 106 -33.91 5.02 -7.32
N ASN A 107 -33.62 4.41 -8.46
CA ASN A 107 -32.27 4.00 -8.82
C ASN A 107 -31.68 4.93 -9.89
N ILE A 108 -30.44 5.35 -9.70
CA ILE A 108 -29.79 6.33 -10.56
C ILE A 108 -28.51 5.72 -11.12
N GLY A 109 -28.48 5.55 -12.43
CA GLY A 109 -27.36 4.94 -13.11
C GLY A 109 -27.26 3.44 -12.86
N ALA A 110 -26.29 2.83 -13.54
CA ALA A 110 -26.06 1.39 -13.42
C ALA A 110 -24.71 1.07 -14.00
N ARG A 111 -24.07 0.07 -13.41
CA ARG A 111 -22.86 -0.52 -13.95
C ARG A 111 -23.04 -2.03 -13.96
N THR A 112 -22.67 -2.64 -15.08
CA THR A 112 -22.90 -4.06 -15.29
C THR A 112 -21.70 -4.69 -15.99
N PHE A 113 -21.59 -6.02 -15.85
CA PHE A 113 -20.48 -6.77 -16.42
C PHE A 113 -20.98 -7.95 -17.23
N LEU A 114 -20.19 -8.35 -18.23
CA LEU A 114 -20.51 -9.54 -19.01
C LEU A 114 -19.96 -10.80 -18.35
N LEU A 115 -20.86 -11.72 -18.02
CA LEU A 115 -20.51 -13.06 -17.57
C LEU A 115 -20.33 -13.99 -18.76
N ASP A 116 -19.51 -15.03 -18.58
CA ASP A 116 -19.37 -16.08 -19.56
C ASP A 116 -20.58 -17.04 -19.55
N SER A 117 -20.54 -18.07 -20.40
CA SER A 117 -21.67 -18.97 -20.56
C SER A 117 -22.00 -19.81 -19.33
N THR A 118 -21.04 -19.97 -18.42
CA THR A 118 -21.29 -20.69 -17.15
C THR A 118 -22.03 -19.82 -16.14
N LYS A 119 -22.03 -18.49 -16.34
CA LYS A 119 -22.61 -17.51 -15.42
C LYS A 119 -21.95 -17.48 -14.03
N THR A 120 -20.71 -17.98 -13.94
CA THR A 120 -19.93 -17.99 -12.70
C THR A 120 -18.61 -17.20 -12.78
N ARG A 121 -18.24 -16.72 -13.97
CA ARG A 121 -17.02 -15.93 -14.16
C ARG A 121 -17.31 -14.84 -15.18
N TYR A 122 -16.60 -13.72 -15.07
CA TYR A 122 -16.67 -12.72 -16.12
C TYR A 122 -16.10 -13.32 -17.41
N ARG A 123 -16.71 -12.93 -18.54
CA ARG A 123 -16.19 -13.29 -19.85
C ARG A 123 -14.95 -12.42 -20.09
N MET A 124 -13.78 -13.04 -20.04
CA MET A 124 -12.53 -12.31 -20.19
C MET A 124 -12.19 -12.23 -21.67
N PHE A 125 -11.88 -11.02 -22.13
CA PHE A 125 -11.54 -10.78 -23.53
C PHE A 125 -10.04 -10.52 -23.63
N GLN A 126 -9.35 -11.38 -24.37
CA GLN A 126 -7.96 -11.17 -24.73
C GLN A 126 -7.97 -10.40 -26.05
N LEU A 127 -7.71 -9.10 -25.96
CA LEU A 127 -8.04 -8.16 -27.04
C LEU A 127 -6.92 -7.86 -28.03
N LEU A 128 -5.67 -8.25 -27.73
CA LEU A 128 -4.57 -7.95 -28.64
C LEU A 128 -4.75 -8.71 -29.94
N ASN A 129 -4.55 -8.00 -31.06
CA ASN A 129 -4.69 -8.55 -32.41
C ASN A 129 -6.11 -9.05 -32.68
N ARG A 130 -7.09 -8.36 -32.10
CA ARG A 130 -8.50 -8.71 -32.26
C ARG A 130 -9.29 -7.47 -32.57
N GLU A 131 -10.55 -7.70 -32.93
CA GLU A 131 -11.50 -6.66 -33.26
C GLU A 131 -12.71 -6.87 -32.37
N PHE A 132 -13.19 -5.78 -31.75
CA PHE A 132 -14.37 -5.81 -30.90
C PHE A 132 -15.35 -4.79 -31.44
N THR A 133 -16.59 -5.21 -31.63
CA THR A 133 -17.61 -4.46 -32.36
C THR A 133 -18.97 -4.56 -31.68
N TYR A 134 -19.76 -3.49 -31.74
CA TYR A 134 -21.12 -3.50 -31.20
C TYR A 134 -21.93 -2.38 -31.83
N ASP A 135 -23.26 -2.49 -31.70
CA ASP A 135 -24.19 -1.46 -32.14
C ASP A 135 -24.64 -0.69 -30.92
N VAL A 136 -24.80 0.61 -31.08
CA VAL A 136 -25.13 1.50 -29.97
C VAL A 136 -26.19 2.52 -30.37
N ASP A 137 -26.99 2.90 -29.39
CA ASP A 137 -27.92 4.01 -29.52
C ASP A 137 -27.72 4.89 -28.30
N VAL A 138 -27.23 6.11 -28.54
CA VAL A 138 -27.08 7.14 -27.50
C VAL A 138 -27.93 8.38 -27.81
N SER A 139 -28.90 8.24 -28.71
CA SER A 139 -29.76 9.37 -29.13
C SER A 139 -30.53 10.05 -28.00
N SER A 140 -30.85 9.32 -26.93
CA SER A 140 -31.57 9.89 -25.79
C SER A 140 -30.66 10.39 -24.66
N LEU A 141 -29.33 10.33 -24.85
CA LEU A 141 -28.36 10.86 -23.90
C LEU A 141 -27.83 12.22 -24.36
N ASP A 142 -28.01 13.23 -23.52
CA ASP A 142 -27.62 14.60 -23.85
C ASP A 142 -26.50 15.02 -22.89
N CYS A 143 -26.08 16.29 -22.98
CA CYS A 143 -25.08 16.88 -22.09
C CYS A 143 -25.22 16.40 -20.64
N GLY A 144 -24.12 15.96 -20.05
CA GLY A 144 -24.11 15.57 -18.64
C GLY A 144 -24.24 14.08 -18.37
N LEU A 145 -24.62 13.30 -19.39
CA LEU A 145 -24.79 11.85 -19.27
C LEU A 145 -23.73 11.14 -20.08
N ASN A 146 -23.48 9.90 -19.70
CA ASN A 146 -22.47 9.07 -20.33
C ASN A 146 -22.99 7.64 -20.34
N GLY A 147 -23.14 7.08 -21.55
CA GLY A 147 -23.43 5.66 -21.74
C GLY A 147 -22.13 5.02 -22.16
N ALA A 148 -21.46 4.34 -21.23
CA ALA A 148 -20.10 3.91 -21.43
C ALA A 148 -19.98 2.41 -21.61
N LEU A 149 -19.09 2.02 -22.53
CA LEU A 149 -18.71 0.63 -22.73
C LEU A 149 -17.19 0.61 -22.69
N TYR A 150 -16.65 -0.27 -21.84
CA TYR A 150 -15.22 -0.27 -21.58
C TYR A 150 -14.77 -1.58 -20.96
N PHE A 151 -13.45 -1.75 -20.90
CA PHE A 151 -12.84 -2.94 -20.33
C PHE A 151 -12.00 -2.53 -19.14
N VAL A 152 -11.97 -3.40 -18.12
CA VAL A 152 -11.10 -3.20 -16.96
C VAL A 152 -10.39 -4.49 -16.57
N SER A 153 -9.26 -4.34 -15.89
CA SER A 153 -8.46 -5.49 -15.44
C SER A 153 -8.93 -6.06 -14.10
N MET A 154 -10.23 -6.38 -14.04
CA MET A 154 -10.79 -7.14 -12.94
C MET A 154 -10.32 -8.59 -13.04
N ASP A 155 -10.33 -9.29 -11.92
CA ASP A 155 -10.17 -10.75 -11.93
C ASP A 155 -11.45 -11.41 -12.45
N ALA A 156 -11.29 -12.54 -13.13
CA ALA A 156 -12.41 -13.28 -13.73
C ALA A 156 -13.44 -13.77 -12.69
N ASP A 157 -12.98 -14.00 -11.45
CA ASP A 157 -13.85 -14.42 -10.35
C ASP A 157 -14.19 -13.28 -9.38
N GLY A 158 -14.01 -12.04 -9.82
CA GLY A 158 -14.17 -10.86 -8.98
C GLY A 158 -13.32 -10.77 -7.73
N GLY A 159 -12.25 -11.58 -7.66
CA GLY A 159 -11.38 -11.66 -6.50
C GLY A 159 -11.64 -12.78 -5.50
N ALA A 160 -12.63 -13.65 -5.77
CA ALA A 160 -12.99 -14.74 -4.85
C ALA A 160 -11.79 -15.58 -4.39
N ALA A 161 -10.91 -15.93 -5.32
CA ALA A 161 -9.73 -16.76 -5.01
C ALA A 161 -8.72 -16.01 -4.13
N LYS A 162 -8.56 -14.72 -4.38
CA LYS A 162 -7.63 -13.89 -3.60
C LYS A 162 -8.16 -13.52 -2.23
N TYR A 163 -9.47 -13.28 -2.14
CA TYR A 163 -10.10 -12.73 -0.94
C TYR A 163 -11.23 -13.67 -0.53
N PRO A 164 -10.94 -14.64 0.34
CA PRO A 164 -11.96 -15.63 0.72
C PRO A 164 -13.23 -15.08 1.40
N THR A 165 -13.18 -13.88 1.97
CA THR A 165 -14.38 -13.23 2.48
C THR A 165 -15.35 -12.74 1.38
N ASN A 166 -14.87 -12.71 0.13
CA ASN A 166 -15.73 -12.50 -1.04
C ASN A 166 -16.37 -13.82 -1.46
N LYS A 167 -17.60 -14.03 -1.03
CA LYS A 167 -18.34 -15.27 -1.30
C LYS A 167 -19.08 -15.28 -2.63
N GLY A 168 -19.38 -14.10 -3.16
CA GLY A 168 -20.19 -13.97 -4.38
C GLY A 168 -19.40 -14.01 -5.69
N GLY A 169 -18.20 -13.44 -5.68
CA GLY A 169 -17.35 -13.41 -6.86
C GLY A 169 -18.00 -12.70 -8.04
N ALA A 170 -17.74 -13.18 -9.24
CA ALA A 170 -18.32 -12.60 -10.46
C ALA A 170 -19.83 -12.73 -10.50
N LYS A 171 -20.36 -13.79 -9.89
CA LYS A 171 -21.80 -14.01 -9.85
C LYS A 171 -22.57 -12.85 -9.21
N TYR A 172 -21.94 -12.17 -8.25
CA TYR A 172 -22.54 -11.00 -7.60
C TYR A 172 -21.91 -9.65 -8.00
N GLY A 173 -21.24 -9.61 -9.17
CA GLY A 173 -20.69 -8.37 -9.69
C GLY A 173 -19.65 -7.69 -8.79
N THR A 174 -18.83 -8.49 -8.11
CA THR A 174 -17.81 -7.97 -7.21
C THR A 174 -16.47 -7.78 -7.90
N GLY A 175 -15.59 -7.03 -7.22
CA GLY A 175 -14.22 -6.83 -7.65
C GLY A 175 -13.99 -5.67 -8.60
N TYR A 176 -14.95 -4.74 -8.73
CA TYR A 176 -14.76 -3.59 -9.62
C TYR A 176 -13.55 -2.78 -9.24
N CYS A 177 -12.78 -2.42 -10.26
CA CYS A 177 -11.66 -1.51 -10.17
C CYS A 177 -11.60 -0.76 -11.49
N ASP A 178 -10.97 0.40 -11.50
CA ASP A 178 -10.70 1.11 -12.76
C ASP A 178 -9.54 2.08 -12.61
N ALA A 179 -9.20 2.78 -13.69
CA ALA A 179 -8.02 3.64 -13.68
C ALA A 179 -8.19 4.93 -12.89
N GLN A 180 -9.40 5.22 -12.42
CA GLN A 180 -9.62 6.31 -11.47
C GLN A 180 -9.37 5.95 -10.02
N CYS A 181 -9.05 4.69 -9.72
CA CYS A 181 -8.84 4.23 -8.34
C CYS A 181 -9.96 4.72 -7.42
N PRO A 182 -11.23 4.43 -7.77
CA PRO A 182 -12.38 4.99 -7.08
C PRO A 182 -12.53 4.53 -5.63
N HIS A 183 -12.83 5.48 -4.75
CA HIS A 183 -13.13 5.20 -3.34
C HIS A 183 -14.62 4.91 -3.12
N ASP A 184 -15.46 5.13 -4.14
CA ASP A 184 -16.91 4.91 -4.01
C ASP A 184 -17.35 3.44 -4.14
N VAL A 185 -16.39 2.54 -4.35
CA VAL A 185 -16.65 1.11 -4.39
C VAL A 185 -16.86 0.62 -2.94
N LYS A 186 -18.00 -0.04 -2.72
CA LYS A 186 -18.42 -0.42 -1.38
C LYS A 186 -17.76 -1.68 -0.84
N TRP A 187 -17.28 -2.54 -1.73
CA TRP A 187 -16.64 -3.80 -1.35
C TRP A 187 -15.35 -3.95 -2.13
N ILE A 188 -14.23 -4.00 -1.40
CA ILE A 188 -12.89 -4.10 -2.01
C ILE A 188 -12.08 -5.15 -1.25
N ASN A 189 -11.39 -6.02 -1.98
CA ASN A 189 -10.59 -7.10 -1.39
C ASN A 189 -11.41 -7.96 -0.42
N GLY A 190 -12.65 -8.24 -0.79
CA GLY A 190 -13.54 -9.04 0.00
C GLY A 190 -14.09 -8.41 1.25
N LEU A 191 -13.86 -7.12 1.45
CA LEU A 191 -14.22 -6.42 2.69
C LEU A 191 -15.03 -5.18 2.38
N ALA A 192 -15.96 -4.86 3.27
CA ALA A 192 -16.68 -3.59 3.19
C ALA A 192 -15.66 -2.47 3.25
N ASN A 193 -15.81 -1.48 2.37
CA ASN A 193 -14.93 -0.32 2.36
C ASN A 193 -15.54 0.76 3.26
N SER A 194 -15.87 0.38 4.50
CA SER A 194 -16.66 1.22 5.39
C SER A 194 -15.83 2.17 6.28
N LYS A 195 -14.51 1.98 6.32
CA LYS A 195 -13.64 2.82 7.15
C LYS A 195 -13.65 4.25 6.61
N ASP A 196 -13.85 5.21 7.51
CA ASP A 196 -13.89 6.64 7.20
C ASP A 196 -14.87 6.98 6.07
N TRP A 197 -15.98 6.25 6.00
CA TRP A 197 -16.93 6.43 4.91
C TRP A 197 -17.56 7.81 4.99
N THR A 198 -17.59 8.49 3.86
CA THR A 198 -18.08 9.86 3.78
C THR A 198 -19.10 9.94 2.66
N PRO A 199 -20.36 10.36 2.98
CA PRO A 199 -21.30 10.64 1.89
C PRO A 199 -20.78 11.66 0.90
N ILE A 200 -21.18 11.55 -0.36
CA ILE A 200 -20.88 12.56 -1.37
C ILE A 200 -22.04 13.55 -1.32
N PRO A 201 -21.77 14.83 -0.98
CA PRO A 201 -22.83 15.84 -0.95
C PRO A 201 -23.58 15.93 -2.28
N GLY A 202 -24.91 16.03 -2.21
CA GLY A 202 -25.76 16.05 -3.41
C GLY A 202 -25.87 14.71 -4.14
N ASP A 203 -25.38 13.63 -3.53
CA ASP A 203 -25.55 12.28 -4.05
C ASP A 203 -26.13 11.44 -2.93
N ALA A 204 -27.45 11.28 -2.93
CA ALA A 204 -28.18 10.54 -1.90
C ALA A 204 -27.87 9.04 -1.82
N ASN A 205 -27.21 8.49 -2.84
CA ASN A 205 -26.92 7.04 -2.91
C ASN A 205 -25.46 6.63 -2.73
N SER A 206 -24.53 7.59 -2.76
CA SER A 206 -23.12 7.26 -2.84
C SER A 206 -22.24 7.95 -1.80
N GLY A 207 -21.12 7.30 -1.49
CA GLY A 207 -20.09 7.84 -0.63
C GLY A 207 -18.72 7.30 -1.02
N LYS A 208 -17.72 7.63 -0.20
CA LYS A 208 -16.33 7.27 -0.47
C LYS A 208 -15.73 6.69 0.80
N GLY A 209 -15.07 5.54 0.67
CA GLY A 209 -14.40 4.90 1.78
C GLY A 209 -12.91 5.11 1.77
N TYR A 210 -12.25 4.60 2.79
CA TYR A 210 -10.82 4.79 2.99
C TYR A 210 -10.00 4.35 1.77
N TYR A 211 -10.32 3.19 1.22
CA TYR A 211 -9.57 2.61 0.11
C TYR A 211 -10.18 2.95 -1.23
N GLY A 212 -9.32 2.98 -2.26
CA GLY A 212 -9.75 2.96 -3.65
C GLY A 212 -9.40 1.62 -4.27
N ASN A 213 -9.84 1.38 -5.51
CA ASN A 213 -9.50 0.13 -6.20
C ASN A 213 -9.04 0.41 -7.62
N CYS A 214 -7.74 0.18 -7.85
CA CYS A 214 -7.08 0.53 -9.10
C CYS A 214 -6.91 -0.65 -10.01
N CYS A 215 -7.10 -0.42 -11.30
CA CYS A 215 -6.62 -1.35 -12.32
C CYS A 215 -6.68 -0.69 -13.68
N ALA A 216 -6.02 -1.33 -14.66
CA ALA A 216 -5.97 -0.81 -16.03
C ALA A 216 -7.36 -0.78 -16.64
N GLU A 217 -7.54 0.14 -17.58
CA GLU A 217 -8.83 0.43 -18.16
C GLU A 217 -8.67 0.81 -19.64
N LEU A 218 -9.50 0.21 -20.47
CA LEU A 218 -9.52 0.49 -21.90
C LEU A 218 -10.92 0.99 -22.23
N ASP A 219 -11.05 2.29 -22.48
CA ASP A 219 -12.36 2.88 -22.75
C ASP A 219 -12.64 2.80 -24.24
N ILE A 220 -13.58 1.94 -24.60
CA ILE A 220 -14.03 1.82 -25.98
C ILE A 220 -14.94 3.00 -26.32
N TRP A 221 -15.75 3.42 -25.35
CA TRP A 221 -16.87 4.30 -25.61
C TRP A 221 -17.27 5.06 -24.35
N GLU A 222 -16.91 6.35 -24.32
CA GLU A 222 -17.40 7.30 -23.33
C GLU A 222 -18.18 8.31 -24.16
N ALA A 223 -19.50 8.40 -23.95
CA ALA A 223 -20.31 9.14 -24.91
C ALA A 223 -21.71 9.52 -24.50
N ASN A 224 -22.16 10.60 -25.14
CA ASN A 224 -23.56 10.90 -25.27
C ASN A 224 -23.79 11.33 -26.74
N LYS A 225 -24.95 11.90 -27.05
CA LYS A 225 -25.22 12.31 -28.43
C LYS A 225 -24.36 13.51 -28.90
N GLN A 226 -23.72 14.24 -27.98
CA GLN A 226 -22.94 15.44 -28.32
C GLN A 226 -21.45 15.20 -28.56
N SER A 227 -20.85 14.31 -27.79
CA SER A 227 -19.43 13.99 -27.86
C SER A 227 -19.16 12.53 -27.51
N GLN A 228 -18.09 11.99 -28.08
CA GLN A 228 -17.63 10.64 -27.79
C GLN A 228 -16.10 10.57 -27.78
N ALA A 229 -15.58 9.61 -27.01
CA ALA A 229 -14.15 9.41 -26.87
C ALA A 229 -13.82 7.96 -26.67
N PHE A 230 -12.61 7.59 -27.07
CA PHE A 230 -11.99 6.32 -26.71
C PHE A 230 -10.61 6.60 -26.18
N THR A 231 -10.20 5.83 -25.17
CA THR A 231 -9.10 6.21 -24.29
C THR A 231 -8.41 4.99 -23.66
N THR A 232 -7.09 5.03 -23.62
CA THR A 232 -6.28 4.00 -22.98
C THR A 232 -5.81 4.51 -21.62
N HIS A 233 -5.94 3.67 -20.59
CA HIS A 233 -5.45 3.98 -19.23
C HIS A 233 -4.59 2.82 -18.68
N PRO A 234 -3.29 2.83 -18.94
CA PRO A 234 -2.44 1.84 -18.26
C PRO A 234 -2.21 2.20 -16.79
N CYS A 235 -1.88 1.20 -15.98
CA CYS A 235 -1.48 1.38 -14.58
C CYS A 235 -0.22 0.54 -14.33
N THR A 236 0.51 0.88 -13.28
CA THR A 236 1.70 0.10 -12.88
C THR A 236 1.52 -0.37 -11.43
N PRO A 237 1.17 -1.64 -11.19
CA PRO A 237 0.86 -2.65 -12.20
C PRO A 237 -0.56 -2.49 -12.77
N ASN A 238 -0.92 -3.33 -13.74
CA ASN A 238 -2.24 -3.26 -14.37
C ASN A 238 -3.36 -3.94 -13.57
N ASP A 239 -3.00 -4.96 -12.79
CA ASP A 239 -4.00 -5.78 -12.10
C ASP A 239 -4.67 -5.09 -10.91
N GLN A 240 -5.80 -5.63 -10.50
CA GLN A 240 -6.60 -5.08 -9.40
C GLN A 240 -5.73 -4.86 -8.16
N THR A 241 -5.70 -3.61 -7.70
CA THR A 241 -4.86 -3.21 -6.59
C THR A 241 -5.64 -2.25 -5.69
N ARG A 242 -5.93 -2.70 -4.47
CA ARG A 242 -6.49 -1.81 -3.46
C ARG A 242 -5.44 -0.77 -3.10
N CYS A 243 -5.86 0.49 -3.04
CA CYS A 243 -4.95 1.59 -2.78
C CYS A 243 -5.39 2.40 -1.57
N GLU A 244 -4.42 3.05 -0.94
CA GLU A 244 -4.66 4.11 0.04
C GLU A 244 -3.55 5.13 -0.13
N GLY A 245 -3.76 6.33 0.41
CA GLY A 245 -2.77 7.39 0.34
C GLY A 245 -2.46 7.79 -1.11
N VAL A 246 -1.20 8.11 -1.36
CA VAL A 246 -0.75 8.64 -2.64
C VAL A 246 -0.93 7.67 -3.82
N VAL A 247 -0.90 6.36 -3.55
CA VAL A 247 -1.01 5.35 -4.61
C VAL A 247 -2.32 5.46 -5.39
N CYS A 248 -3.41 5.87 -4.73
CA CYS A 248 -4.70 6.08 -5.41
C CYS A 248 -4.68 7.22 -6.40
N GLY A 249 -3.76 8.16 -6.23
CA GLY A 249 -3.71 9.35 -7.05
C GLY A 249 -4.97 10.19 -6.92
N ASP A 250 -5.38 10.44 -5.67
CA ASP A 250 -6.62 11.18 -5.40
C ASP A 250 -6.57 12.60 -5.94
N ASN A 251 -7.63 12.99 -6.63
CA ASN A 251 -7.79 14.36 -7.12
C ASN A 251 -7.77 15.39 -6.00
N ASP A 252 -8.46 15.07 -4.91
CA ASP A 252 -8.68 16.03 -3.81
C ASP A 252 -7.42 16.42 -3.01
N SER A 253 -6.41 15.56 -3.02
CA SER A 253 -5.14 15.85 -2.34
C SER A 253 -4.02 16.29 -3.30
N GLY A 254 -4.38 16.69 -4.54
CA GLY A 254 -3.39 17.09 -5.54
C GLY A 254 -2.53 15.95 -6.08
N ASP A 255 -3.02 14.72 -5.98
CA ASP A 255 -2.23 13.54 -6.33
C ASP A 255 -2.64 12.88 -7.65
N ARG A 256 -3.41 13.57 -8.49
CA ARG A 256 -3.88 12.98 -9.76
C ARG A 256 -2.78 12.29 -10.57
N TYR A 257 -1.58 12.89 -10.59
CA TYR A 257 -0.44 12.37 -11.34
C TYR A 257 0.64 11.70 -10.49
N ASN A 258 0.30 11.37 -9.24
CA ASN A 258 1.27 10.74 -8.32
C ASN A 258 0.93 9.29 -7.99
N GLY A 259 -0.17 8.78 -8.53
CA GLY A 259 -0.65 7.46 -8.19
C GLY A 259 -0.17 6.42 -9.19
N MET A 260 -0.71 5.22 -9.04
CA MET A 260 -0.30 4.07 -9.84
C MET A 260 -0.97 3.99 -11.21
N CYS A 261 -2.07 4.73 -11.41
CA CYS A 261 -2.83 4.70 -12.67
C CYS A 261 -2.73 6.02 -13.43
N ASP A 262 -2.78 5.92 -14.76
CA ASP A 262 -2.90 7.06 -15.65
C ASP A 262 -4.37 7.50 -15.70
N LYS A 263 -4.72 8.47 -14.87
CA LYS A 263 -6.12 8.90 -14.75
C LYS A 263 -6.70 9.62 -15.97
N ASP A 264 -5.92 10.51 -16.59
CA ASP A 264 -6.40 11.19 -17.81
C ASP A 264 -6.57 10.19 -18.93
N GLY A 265 -5.61 9.27 -19.04
CA GLY A 265 -5.56 8.34 -20.15
C GLY A 265 -5.10 9.06 -21.40
N CYS A 266 -4.80 8.30 -22.45
CA CYS A 266 -4.57 8.89 -23.76
C CYS A 266 -5.86 8.74 -24.56
N ASP A 267 -6.50 9.88 -24.81
CA ASP A 267 -7.81 9.92 -25.46
C ASP A 267 -7.71 10.29 -26.92
N PHE A 268 -8.56 9.66 -27.72
CA PHE A 268 -8.95 10.17 -29.02
C PHE A 268 -10.43 10.52 -28.94
N ALA A 269 -10.72 11.81 -28.90
CA ALA A 269 -12.08 12.34 -28.85
C ALA A 269 -12.21 13.32 -30.00
N SER A 270 -13.01 12.95 -31.00
CA SER A 270 -13.07 13.66 -32.28
C SER A 270 -13.20 15.17 -32.13
N TYR A 271 -14.11 15.61 -31.28
CA TYR A 271 -14.38 17.04 -31.09
C TYR A 271 -13.17 17.74 -30.45
N ARG A 272 -12.62 17.14 -29.39
CA ARG A 272 -11.40 17.66 -28.75
C ARG A 272 -10.20 17.73 -29.69
N MET A 273 -10.12 16.77 -30.62
CA MET A 273 -9.08 16.78 -31.67
C MET A 273 -9.35 17.73 -32.84
N ASN A 274 -10.40 18.53 -32.69
CA ASN A 274 -10.72 19.69 -33.51
C ASN A 274 -11.45 19.35 -34.81
N ASP A 275 -12.27 18.31 -34.77
CA ASP A 275 -13.25 18.07 -35.81
C ASP A 275 -14.62 18.10 -35.15
N HIS A 276 -15.26 19.27 -35.20
CA HIS A 276 -16.53 19.50 -34.52
C HIS A 276 -17.74 19.04 -35.36
N THR A 277 -17.51 18.65 -36.62
CA THR A 277 -18.60 18.26 -37.53
C THR A 277 -18.68 16.75 -37.80
N PHE A 278 -17.77 15.98 -37.21
CA PHE A 278 -17.74 14.55 -37.42
C PHE A 278 -18.94 13.82 -36.79
N TYR A 279 -19.22 14.15 -35.54
CA TYR A 279 -20.18 13.42 -34.71
C TYR A 279 -21.15 14.37 -34.03
N GLY A 280 -22.44 14.13 -34.21
CA GLY A 280 -23.43 14.98 -33.57
C GLY A 280 -24.85 14.60 -33.92
N PRO A 281 -25.82 15.22 -33.23
CA PRO A 281 -27.22 14.80 -33.33
C PRO A 281 -27.91 15.42 -34.53
N GLY A 282 -27.63 14.89 -35.71
CA GLY A 282 -28.26 15.37 -36.93
C GLY A 282 -27.66 14.75 -38.17
N SER A 283 -28.43 14.78 -39.24
CA SER A 283 -28.14 13.98 -40.43
C SER A 283 -26.98 14.53 -41.26
N THR A 284 -26.58 15.78 -41.01
CA THR A 284 -25.47 16.39 -41.72
C THR A 284 -24.13 16.30 -40.98
N PHE A 285 -24.11 15.86 -39.72
CA PHE A 285 -22.86 15.33 -39.12
C PHE A 285 -22.44 14.09 -39.91
N LYS A 286 -21.16 13.74 -39.91
CA LYS A 286 -20.70 12.57 -40.66
C LYS A 286 -21.32 11.30 -40.06
N LEU A 287 -21.32 11.26 -38.73
CA LEU A 287 -21.91 10.18 -37.95
C LEU A 287 -23.04 10.79 -37.14
N ASP A 288 -24.26 10.31 -37.38
CA ASP A 288 -25.49 10.91 -36.85
C ASP A 288 -25.89 10.23 -35.56
N SER A 289 -25.66 10.92 -34.44
CA SER A 289 -25.93 10.33 -33.12
C SER A 289 -27.42 10.24 -32.74
N THR A 290 -28.33 10.77 -33.56
CA THR A 290 -29.77 10.56 -33.36
C THR A 290 -30.24 9.18 -33.80
N LYS A 291 -29.37 8.42 -34.49
CA LYS A 291 -29.71 7.09 -34.98
C LYS A 291 -28.67 6.09 -34.48
N PRO A 292 -29.03 4.79 -34.45
CA PRO A 292 -28.03 3.79 -34.07
C PRO A 292 -26.87 3.71 -35.07
N PHE A 293 -25.76 3.16 -34.62
CA PHE A 293 -24.60 2.92 -35.47
C PHE A 293 -23.72 1.84 -34.85
N THR A 294 -22.81 1.33 -35.67
CA THR A 294 -21.87 0.29 -35.27
C THR A 294 -20.52 0.93 -34.97
N VAL A 295 -19.90 0.50 -33.87
CA VAL A 295 -18.60 0.99 -33.43
C VAL A 295 -17.60 -0.17 -33.52
N VAL A 296 -16.56 -0.02 -34.34
CA VAL A 296 -15.58 -1.08 -34.57
C VAL A 296 -14.23 -0.66 -34.01
N SER A 297 -13.61 -1.53 -33.21
CA SER A 297 -12.34 -1.21 -32.58
C SER A 297 -11.36 -2.34 -32.91
N GLN A 298 -10.16 -1.98 -33.38
CA GLN A 298 -9.13 -2.93 -33.79
C GLN A 298 -7.86 -2.66 -32.99
N PHE A 299 -7.30 -3.71 -32.40
CA PHE A 299 -6.16 -3.57 -31.50
C PHE A 299 -4.93 -4.18 -32.16
N ILE A 300 -4.12 -3.30 -32.75
CA ILE A 300 -3.04 -3.72 -33.64
C ILE A 300 -1.79 -3.92 -32.82
N THR A 301 -1.04 -4.99 -33.11
CA THR A 301 0.22 -5.25 -32.44
C THR A 301 1.41 -4.98 -33.36
N THR A 302 2.60 -4.94 -32.77
CA THR A 302 3.83 -4.66 -33.49
C THR A 302 4.17 -5.67 -34.60
N ASP A 303 3.84 -6.94 -34.41
CA ASP A 303 4.14 -7.98 -35.40
C ASP A 303 2.91 -8.64 -36.04
N GLY A 304 1.72 -8.11 -35.75
CA GLY A 304 0.47 -8.67 -36.26
C GLY A 304 0.05 -9.99 -35.65
N THR A 305 0.63 -10.33 -34.49
CA THR A 305 0.30 -11.55 -33.79
C THR A 305 -0.15 -11.23 -32.39
N ASP A 306 -0.65 -12.26 -31.73
CA ASP A 306 -1.10 -12.18 -30.35
C ASP A 306 0.08 -11.95 -29.37
N ASN A 307 1.31 -12.26 -29.77
CA ASN A 307 2.50 -12.08 -28.94
C ASN A 307 3.19 -10.72 -29.05
N GLY A 308 2.82 -9.93 -30.05
CA GLY A 308 3.40 -8.59 -30.22
C GLY A 308 2.96 -7.61 -29.15
N ASP A 309 3.63 -6.47 -29.09
CA ASP A 309 3.24 -5.37 -28.19
C ASP A 309 2.07 -4.61 -28.81
N PHE A 310 1.15 -4.13 -27.98
CA PHE A 310 0.06 -3.25 -28.44
C PHE A 310 0.69 -1.98 -29.01
N LYS A 311 0.35 -1.63 -30.26
CA LYS A 311 0.88 -0.42 -30.89
C LYS A 311 -0.17 0.60 -31.34
N GLU A 312 -1.38 0.16 -31.65
CA GLU A 312 -2.39 1.06 -32.20
C GLU A 312 -3.81 0.62 -31.94
N PHE A 313 -4.63 1.57 -31.49
CA PHE A 313 -6.08 1.40 -31.32
C PHE A 313 -6.71 2.12 -32.51
N ARG A 314 -7.20 1.34 -33.48
CA ARG A 314 -7.91 1.87 -34.66
C ARG A 314 -9.43 1.80 -34.46
N ARG A 315 -10.13 2.67 -35.17
CA ARG A 315 -11.58 2.87 -35.00
C ARG A 315 -12.20 3.17 -36.34
N PHE A 316 -13.34 2.53 -36.62
CA PHE A 316 -14.23 3.01 -37.66
C PHE A 316 -15.67 2.71 -37.29
N TYR A 317 -16.59 3.28 -38.05
CA TYR A 317 -18.01 3.17 -37.78
C TYR A 317 -18.75 2.67 -39.00
N VAL A 318 -19.92 2.09 -38.77
CA VAL A 318 -20.86 1.76 -39.83
C VAL A 318 -22.23 2.29 -39.41
N GLN A 319 -22.86 3.08 -40.28
CA GLN A 319 -24.19 3.59 -40.00
C GLN A 319 -25.04 3.45 -41.24
N ASN A 320 -26.12 2.69 -41.12
CA ASN A 320 -27.03 2.38 -42.22
C ASN A 320 -26.28 1.85 -43.44
N GLY A 321 -25.34 0.93 -43.20
CA GLY A 321 -24.54 0.29 -44.24
C GLY A 321 -23.40 1.11 -44.84
N VAL A 322 -23.17 2.32 -44.32
CA VAL A 322 -22.15 3.23 -44.83
C VAL A 322 -20.97 3.16 -43.89
N ARG A 323 -19.81 2.76 -44.42
CA ARG A 323 -18.58 2.70 -43.64
C ARG A 323 -18.07 4.13 -43.46
N ILE A 324 -17.71 4.46 -42.22
CA ILE A 324 -17.26 5.80 -41.85
C ILE A 324 -15.93 5.66 -41.10
N GLU A 325 -14.86 6.16 -41.71
CA GLU A 325 -13.54 6.08 -41.10
C GLU A 325 -13.45 7.11 -39.98
N ASN A 326 -12.50 6.92 -39.07
CA ASN A 326 -12.41 7.81 -37.93
C ASN A 326 -12.01 9.22 -38.39
N SER A 327 -12.41 10.22 -37.61
CA SER A 327 -11.94 11.57 -37.80
C SER A 327 -10.44 11.65 -37.52
N LYS A 328 -9.87 12.82 -37.79
CA LYS A 328 -8.44 13.01 -37.65
C LYS A 328 -8.13 14.21 -36.75
N VAL A 329 -6.96 14.16 -36.15
CA VAL A 329 -6.43 15.30 -35.40
C VAL A 329 -6.23 16.45 -36.38
N ASN A 330 -6.67 17.64 -35.98
CA ASN A 330 -6.76 18.79 -36.88
C ASN A 330 -6.21 20.06 -36.23
N PHE A 331 -4.89 20.12 -36.12
CA PHE A 331 -4.18 21.29 -35.59
C PHE A 331 -2.97 21.60 -36.46
N PRO A 332 -2.65 22.89 -36.67
CA PRO A 332 -1.46 23.25 -37.46
C PRO A 332 -0.17 22.62 -36.91
N GLY A 333 0.64 22.03 -37.79
CA GLY A 333 1.90 21.43 -37.41
C GLY A 333 1.83 20.10 -36.66
N ILE A 334 0.64 19.53 -36.53
CA ILE A 334 0.45 18.23 -35.89
C ILE A 334 0.02 17.25 -36.97
N THR A 335 0.59 16.06 -36.96
CA THR A 335 0.19 15.00 -37.88
C THR A 335 -1.28 14.67 -37.68
N ALA A 336 -1.95 14.37 -38.79
CA ALA A 336 -3.39 14.09 -38.77
C ALA A 336 -3.67 12.66 -38.31
N TYR A 337 -3.36 12.35 -37.05
CA TYR A 337 -3.56 11.00 -36.50
C TYR A 337 -5.04 10.67 -36.51
N ASP A 338 -5.36 9.40 -36.72
CA ASP A 338 -6.75 8.92 -36.62
C ASP A 338 -6.91 7.71 -35.73
N SER A 339 -5.95 7.52 -34.84
CA SER A 339 -5.89 6.35 -33.97
C SER A 339 -5.07 6.70 -32.74
N ILE A 340 -5.13 5.84 -31.74
CA ILE A 340 -4.26 5.97 -30.58
C ILE A 340 -2.95 5.21 -30.81
N THR A 341 -1.84 5.93 -30.74
CA THR A 341 -0.48 5.39 -30.70
C THR A 341 0.33 6.19 -29.69
N ASP A 342 1.47 5.66 -29.26
CA ASP A 342 2.37 6.42 -28.37
C ASP A 342 2.73 7.78 -28.93
N GLU A 343 3.06 7.83 -30.22
CA GLU A 343 3.40 9.11 -30.88
C GLU A 343 2.24 10.11 -30.84
N MET A 344 1.03 9.65 -31.17
CA MET A 344 -0.16 10.52 -31.11
C MET A 344 -0.34 11.08 -29.70
N CYS A 345 -0.19 10.23 -28.70
CA CYS A 345 -0.32 10.63 -27.29
C CYS A 345 0.70 11.69 -26.90
N ALA A 346 1.95 11.49 -27.27
CA ALA A 346 3.01 12.46 -26.98
C ALA A 346 2.78 13.79 -27.69
N ALA A 347 2.43 13.73 -28.97
CA ALA A 347 2.24 14.95 -29.79
C ALA A 347 1.05 15.77 -29.32
N THR A 348 -0.09 15.12 -29.10
CA THR A 348 -1.32 15.82 -28.72
C THR A 348 -1.27 16.33 -27.28
N LYS A 349 -0.73 15.53 -26.36
CA LYS A 349 -0.56 16.01 -24.99
C LYS A 349 0.45 17.14 -24.90
N GLY A 350 1.51 17.05 -25.71
CA GLY A 350 2.44 18.17 -25.90
C GLY A 350 1.73 19.47 -26.31
N LEU A 351 0.88 19.37 -27.32
CA LEU A 351 0.11 20.53 -27.79
C LEU A 351 -0.84 21.07 -26.70
N PHE A 352 -1.56 20.16 -26.04
CA PHE A 352 -2.55 20.52 -25.04
C PHE A 352 -1.94 20.99 -23.72
N GLY A 353 -0.66 20.71 -23.50
CA GLY A 353 -0.01 20.99 -22.23
C GLY A 353 -0.43 20.04 -21.14
N ASP A 354 -0.83 18.82 -21.51
CA ASP A 354 -1.22 17.79 -20.55
C ASP A 354 -0.01 16.92 -20.22
N LEU A 355 0.17 16.61 -18.95
CA LEU A 355 1.26 15.71 -18.52
C LEU A 355 1.05 14.33 -19.14
N ASP A 356 2.09 13.78 -19.77
CA ASP A 356 1.96 12.48 -20.44
C ASP A 356 2.17 11.36 -19.42
N ASP A 357 1.18 11.18 -18.54
CA ASP A 357 1.24 10.12 -17.53
C ASP A 357 1.06 8.75 -18.18
N HIS A 358 0.36 8.72 -19.31
CA HIS A 358 0.26 7.53 -20.17
C HIS A 358 1.63 6.93 -20.44
N LYS A 359 2.56 7.77 -20.91
CA LYS A 359 3.95 7.35 -21.15
C LYS A 359 4.65 6.94 -19.85
N ASN A 360 4.45 7.71 -18.78
CA ASN A 360 5.05 7.35 -17.47
C ASN A 360 4.62 5.96 -16.98
N LYS A 361 3.38 5.58 -17.29
CA LYS A 361 2.84 4.28 -16.90
C LYS A 361 3.17 3.13 -17.87
N GLY A 362 4.00 3.39 -18.88
CA GLY A 362 4.47 2.35 -19.81
C GLY A 362 3.77 2.37 -21.16
N GLY A 363 2.85 3.31 -21.36
CA GLY A 363 2.28 3.59 -22.66
C GLY A 363 1.45 2.46 -23.25
N MET A 364 1.43 2.40 -24.58
CA MET A 364 0.66 1.40 -25.30
C MET A 364 1.12 -0.01 -24.94
N LYS A 365 2.43 -0.23 -24.78
CA LYS A 365 2.95 -1.54 -24.40
C LYS A 365 2.32 -2.03 -23.08
N GLN A 366 2.32 -1.18 -22.06
CA GLN A 366 1.74 -1.55 -20.76
C GLN A 366 0.24 -1.77 -20.88
N MET A 367 -0.45 -0.92 -21.61
CA MET A 367 -1.89 -1.10 -21.86
C MET A 367 -2.12 -2.48 -22.48
N GLY A 368 -1.27 -2.84 -23.43
CA GLY A 368 -1.35 -4.15 -24.08
C GLY A 368 -1.17 -5.36 -23.19
N GLU A 369 -0.31 -5.25 -22.17
CA GLU A 369 -0.09 -6.34 -21.21
C GLU A 369 -1.40 -6.66 -20.45
N ALA A 370 -2.15 -5.62 -20.09
CA ALA A 370 -3.48 -5.82 -19.49
C ALA A 370 -4.42 -6.54 -20.46
N MET A 371 -4.38 -6.11 -21.72
CA MET A 371 -5.22 -6.68 -22.75
C MET A 371 -4.86 -8.14 -23.06
N ARG A 372 -3.56 -8.46 -22.99
CA ARG A 372 -3.07 -9.82 -23.17
C ARG A 372 -3.56 -10.77 -22.06
N LYS A 373 -3.51 -10.33 -20.82
CA LYS A 373 -3.98 -11.15 -19.70
C LYS A 373 -5.49 -11.39 -19.76
N GLY A 374 -6.23 -10.43 -20.32
CA GLY A 374 -7.67 -10.54 -20.45
C GLY A 374 -8.34 -9.51 -19.54
N MET A 375 -9.40 -8.90 -20.05
CA MET A 375 -10.12 -7.84 -19.36
C MET A 375 -11.62 -8.11 -19.39
N ALA A 376 -12.32 -7.59 -18.39
CA ALA A 376 -13.76 -7.75 -18.24
C ALA A 376 -14.48 -6.62 -18.95
N LEU A 377 -15.63 -6.93 -19.55
CA LEU A 377 -16.44 -5.94 -20.27
C LEU A 377 -17.43 -5.31 -19.31
N VAL A 378 -17.48 -3.98 -19.34
CA VAL A 378 -18.34 -3.17 -18.52
C VAL A 378 -19.26 -2.34 -19.41
N MET A 379 -20.54 -2.29 -19.03
CA MET A 379 -21.54 -1.46 -19.70
C MET A 379 -22.26 -0.67 -18.63
N SER A 380 -22.34 0.64 -18.84
CA SER A 380 -22.82 1.53 -17.78
C SER A 380 -23.54 2.75 -18.32
N ILE A 381 -24.31 3.38 -17.43
CA ILE A 381 -24.89 4.69 -17.70
C ILE A 381 -24.79 5.49 -16.41
N TRP A 382 -24.32 6.72 -16.51
CA TRP A 382 -24.00 7.51 -15.32
C TRP A 382 -23.92 9.01 -15.57
N ASP A 383 -24.16 9.78 -14.52
CA ASP A 383 -23.80 11.19 -14.48
C ASP A 383 -22.59 11.35 -13.56
N ASP A 384 -22.06 12.57 -13.48
CA ASP A 384 -20.73 12.82 -12.93
C ASP A 384 -20.84 13.87 -11.84
N HIS A 385 -20.80 13.40 -10.59
CA HIS A 385 -20.89 14.30 -9.43
C HIS A 385 -19.62 15.11 -9.13
N ASP A 386 -18.49 14.73 -9.74
CA ASP A 386 -17.22 15.46 -9.56
C ASP A 386 -17.06 16.64 -10.52
N VAL A 387 -17.25 16.36 -11.81
CA VAL A 387 -16.90 17.29 -12.88
C VAL A 387 -18.04 17.53 -13.90
N ASN A 388 -19.25 17.01 -13.62
CA ASN A 388 -20.44 17.27 -14.44
C ASN A 388 -20.30 16.89 -15.91
N MET A 389 -19.41 15.93 -16.20
CA MET A 389 -19.15 15.44 -17.54
C MET A 389 -18.57 16.49 -18.49
N LEU A 390 -18.06 17.60 -17.94
CA LEU A 390 -17.52 18.68 -18.75
C LEU A 390 -16.26 18.26 -19.51
N TRP A 391 -15.48 17.37 -18.89
CA TRP A 391 -14.31 16.72 -19.54
C TRP A 391 -14.64 15.99 -20.84
N LEU A 392 -15.86 15.49 -20.96
CA LEU A 392 -16.31 14.75 -22.13
C LEU A 392 -16.91 15.65 -23.19
N ASP A 393 -17.77 16.59 -22.78
CA ASP A 393 -18.69 17.23 -23.72
C ASP A 393 -18.77 18.76 -23.69
N SER A 394 -17.89 19.42 -22.93
CA SER A 394 -17.93 20.88 -22.77
C SER A 394 -16.51 21.44 -22.80
N ASN A 395 -16.31 22.62 -22.20
CA ASN A 395 -14.97 23.15 -22.00
C ASN A 395 -14.45 22.70 -20.65
N TYR A 396 -13.24 22.15 -20.66
CA TYR A 396 -12.60 21.72 -19.41
C TYR A 396 -11.12 22.10 -19.46
N PRO A 397 -10.65 22.95 -18.54
CA PRO A 397 -11.48 23.59 -17.47
C PRO A 397 -12.54 24.56 -18.02
N PRO A 398 -13.70 24.69 -17.31
CA PRO A 398 -14.81 25.59 -17.73
C PRO A 398 -14.39 27.03 -17.99
N THR A 399 -13.41 27.50 -17.22
CA THR A 399 -12.84 28.84 -17.36
C THR A 399 -11.78 28.97 -18.47
N GLY A 400 -11.42 27.86 -19.14
CA GLY A 400 -10.42 27.89 -20.19
C GLY A 400 -10.94 28.54 -21.46
N ASN A 401 -10.01 29.07 -22.24
CA ASN A 401 -10.35 29.62 -23.54
C ASN A 401 -10.65 28.44 -24.47
N PRO A 402 -11.87 28.39 -25.07
CA PRO A 402 -12.21 27.31 -25.99
C PRO A 402 -11.36 27.22 -27.26
N SER A 403 -10.67 28.32 -27.64
CA SER A 403 -9.73 28.28 -28.77
C SER A 403 -8.35 27.69 -28.41
N THR A 404 -8.05 27.51 -27.12
CA THR A 404 -6.81 26.84 -26.70
C THR A 404 -6.94 25.32 -26.94
N PRO A 405 -6.05 24.73 -27.75
CA PRO A 405 -6.15 23.30 -28.05
C PRO A 405 -6.25 22.46 -26.77
N GLY A 406 -7.22 21.55 -26.74
CA GLY A 406 -7.42 20.65 -25.60
C GLY A 406 -8.55 21.05 -24.66
N VAL A 407 -8.92 22.33 -24.65
CA VAL A 407 -9.97 22.81 -23.74
C VAL A 407 -11.36 22.36 -24.18
N ALA A 408 -11.70 22.60 -25.45
CA ALA A 408 -13.06 22.34 -25.93
C ALA A 408 -13.23 20.88 -26.33
N ARG A 409 -14.08 20.15 -25.59
CA ARG A 409 -14.38 18.74 -25.86
C ARG A 409 -15.79 18.49 -26.42
N GLY A 410 -16.64 19.51 -26.39
CA GLY A 410 -17.95 19.41 -27.01
C GLY A 410 -18.70 20.70 -26.95
N PRO A 411 -19.92 20.74 -27.53
CA PRO A 411 -20.72 21.97 -27.60
C PRO A 411 -21.58 22.25 -26.37
N CYS A 412 -21.53 21.38 -25.36
CA CYS A 412 -22.39 21.56 -24.18
C CYS A 412 -21.98 22.78 -23.38
N PRO A 413 -22.96 23.50 -22.82
CA PRO A 413 -22.62 24.65 -21.97
C PRO A 413 -21.92 24.22 -20.69
N THR A 414 -21.07 25.09 -20.15
CA THR A 414 -20.32 24.77 -18.93
C THR A 414 -21.21 24.68 -17.68
N THR A 415 -22.45 25.15 -17.79
CA THR A 415 -23.47 25.00 -16.74
C THR A 415 -24.21 23.64 -16.80
N SER A 416 -23.95 22.85 -17.84
CA SER A 416 -24.61 21.56 -18.02
C SER A 416 -24.07 20.48 -17.10
N GLY A 417 -24.84 19.40 -16.98
CA GLY A 417 -24.38 18.17 -16.34
C GLY A 417 -24.46 18.12 -14.83
N VAL A 418 -25.17 19.06 -14.22
CA VAL A 418 -25.35 19.06 -12.77
C VAL A 418 -26.25 17.86 -12.45
N PRO A 419 -25.76 16.89 -11.63
CA PRO A 419 -26.53 15.65 -11.43
C PRO A 419 -27.99 15.84 -11.02
N SER A 420 -28.27 16.75 -10.09
CA SER A 420 -29.66 17.04 -9.69
C SER A 420 -30.55 17.51 -10.85
N GLU A 421 -29.98 18.21 -11.83
CA GLU A 421 -30.73 18.67 -13.01
C GLU A 421 -30.88 17.56 -14.05
N VAL A 422 -29.78 16.88 -14.40
CA VAL A 422 -29.84 15.82 -15.42
C VAL A 422 -30.70 14.63 -14.96
N GLU A 423 -30.72 14.36 -13.65
CA GLU A 423 -31.57 13.30 -13.10
C GLU A 423 -33.08 13.58 -13.19
N VAL A 424 -33.46 14.84 -13.35
CA VAL A 424 -34.84 15.23 -13.63
C VAL A 424 -35.07 15.28 -15.14
N THR A 425 -34.28 16.11 -15.83
CA THR A 425 -34.42 16.38 -17.26
C THR A 425 -34.20 15.17 -18.17
N GLN A 426 -33.31 14.25 -17.76
CA GLN A 426 -32.96 13.08 -18.57
C GLN A 426 -33.28 11.76 -17.87
N ALA A 427 -34.29 11.76 -17.00
CA ALA A 427 -34.72 10.58 -16.24
C ALA A 427 -34.98 9.36 -17.11
N ASN A 428 -35.57 9.57 -18.29
CA ASN A 428 -35.90 8.49 -19.21
C ASN A 428 -34.85 8.21 -20.28
N ALA A 429 -33.64 8.75 -20.14
CA ALA A 429 -32.55 8.42 -21.07
C ALA A 429 -32.25 6.93 -20.94
N VAL A 430 -31.99 6.29 -22.08
CA VAL A 430 -31.67 4.86 -22.17
C VAL A 430 -30.54 4.68 -23.17
N VAL A 431 -29.47 4.03 -22.75
CA VAL A 431 -28.43 3.58 -23.67
C VAL A 431 -28.70 2.13 -24.08
N SER A 432 -28.49 1.81 -25.35
CA SER A 432 -28.62 0.46 -25.85
C SER A 432 -27.29 0.02 -26.44
N PHE A 433 -26.82 -1.16 -26.01
CA PHE A 433 -25.64 -1.82 -26.56
C PHE A 433 -26.09 -3.16 -27.09
N GLY A 434 -25.74 -3.48 -28.34
CA GLY A 434 -26.26 -4.70 -28.95
C GLY A 434 -25.40 -5.27 -30.05
N ASN A 435 -25.73 -6.50 -30.43
CA ASN A 435 -25.07 -7.21 -31.52
C ASN A 435 -23.56 -7.13 -31.36
N ILE A 436 -23.11 -7.52 -30.17
CA ILE A 436 -21.70 -7.53 -29.82
C ILE A 436 -21.00 -8.63 -30.62
N LYS A 437 -19.87 -8.29 -31.20
CA LYS A 437 -19.11 -9.21 -32.05
C LYS A 437 -17.62 -9.09 -31.72
N PHE A 438 -16.94 -10.24 -31.69
CA PHE A 438 -15.55 -10.32 -31.29
C PHE A 438 -14.85 -11.37 -32.15
N GLY A 439 -13.68 -11.02 -32.67
CA GLY A 439 -12.95 -11.94 -33.53
C GLY A 439 -11.67 -11.34 -34.05
N PRO A 440 -11.03 -12.03 -35.01
CA PRO A 440 -9.86 -11.49 -35.69
C PRO A 440 -10.18 -10.16 -36.38
N ILE A 441 -9.12 -9.39 -36.62
CA ILE A 441 -9.21 -8.14 -37.35
C ILE A 441 -9.84 -8.41 -38.72
N GLY A 442 -10.84 -7.61 -39.08
CA GLY A 442 -11.59 -7.76 -40.33
C GLY A 442 -12.76 -8.73 -40.30
N SER A 443 -13.02 -9.38 -39.17
CA SER A 443 -14.04 -10.44 -39.11
C SER A 443 -15.45 -10.00 -38.68
N THR A 444 -15.62 -8.81 -38.10
CA THR A 444 -16.88 -8.47 -37.40
C THR A 444 -17.94 -7.70 -38.20
N VAL A 445 -17.62 -7.20 -39.38
CA VAL A 445 -18.62 -6.56 -40.24
C VAL A 445 -18.81 -7.30 -41.58
N PCA B 1 8.97 -4.68 -2.29
CA PCA B 1 9.58 -5.80 -2.97
CB PCA B 1 10.56 -6.39 -1.96
CG PCA B 1 10.28 -5.69 -0.63
CD PCA B 1 9.28 -4.63 -1.00
OE PCA B 1 8.83 -3.84 -0.19
C PCA B 1 8.62 -6.89 -3.37
O PCA B 1 7.72 -7.25 -2.60
N ASN B 2 8.81 -7.44 -4.59
CA ASN B 2 8.20 -8.71 -4.97
C ASN B 2 8.78 -9.83 -4.12
N VAL B 3 8.03 -10.93 -4.03
CA VAL B 3 8.44 -12.12 -3.31
C VAL B 3 8.94 -13.16 -4.31
N GLY B 4 10.11 -13.75 -4.04
CA GLY B 4 10.70 -14.75 -4.92
C GLY B 4 10.12 -16.14 -4.70
N THR B 5 10.39 -17.04 -5.63
CA THR B 5 9.84 -18.39 -5.62
C THR B 5 10.89 -19.49 -5.32
N GLN B 6 12.09 -19.10 -4.92
CA GLN B 6 13.18 -20.07 -4.72
C GLN B 6 13.12 -20.79 -3.38
N ALA B 7 12.58 -20.15 -2.35
CA ALA B 7 12.58 -20.72 -1.00
C ALA B 7 11.39 -20.23 -0.20
N ALA B 8 10.67 -21.16 0.41
CA ALA B 8 9.60 -20.82 1.34
C ALA B 8 10.13 -20.03 2.52
N GLU B 9 9.30 -19.12 3.00
CA GLU B 9 9.62 -18.35 4.20
C GLU B 9 9.09 -19.12 5.40
N GLU B 10 9.99 -19.42 6.33
CA GLU B 10 9.67 -20.24 7.50
C GLU B 10 10.23 -19.54 8.75
N PRO B 11 9.38 -18.75 9.43
CA PRO B 11 9.83 -18.06 10.65
C PRO B 11 10.05 -19.07 11.80
N LEU B 12 10.90 -18.71 12.76
CA LEU B 12 11.15 -19.59 13.91
C LEU B 12 10.05 -19.40 14.94
N ASN B 13 9.45 -20.50 15.40
CA ASN B 13 8.44 -20.42 16.48
C ASN B 13 9.07 -19.94 17.78
N LEU B 14 8.41 -18.99 18.43
CA LEU B 14 8.86 -18.45 19.72
C LEU B 14 7.63 -18.16 20.59
N PRO B 15 7.33 -19.02 21.56
CA PRO B 15 6.24 -18.73 22.48
C PRO B 15 6.62 -17.62 23.48
N ILE B 16 5.69 -16.71 23.74
CA ILE B 16 5.81 -15.74 24.84
C ILE B 16 4.64 -15.95 25.80
N SER B 17 4.67 -15.27 26.93
CA SER B 17 3.60 -15.35 27.92
C SER B 17 2.86 -14.02 27.97
N VAL B 18 1.54 -14.09 27.95
CA VAL B 18 0.70 -12.93 28.19
C VAL B 18 0.05 -13.15 29.54
N CYS B 19 0.23 -12.19 30.44
CA CYS B 19 -0.22 -12.31 31.82
C CYS B 19 -1.33 -11.31 32.12
N THR B 20 -2.25 -11.71 33.00
CA THR B 20 -3.28 -10.84 33.56
C THR B 20 -3.05 -10.51 35.04
N ALA B 21 -2.36 -11.39 35.77
CA ALA B 21 -2.04 -11.18 37.17
C ALA B 21 -0.79 -12.00 37.51
N PRO B 22 -0.15 -11.74 38.67
CA PRO B 22 1.03 -12.53 39.05
C PRO B 22 0.72 -14.03 39.05
N GLY B 23 1.53 -14.82 38.35
CA GLY B 23 1.30 -16.26 38.23
C GLY B 23 0.06 -16.69 37.44
N ASN B 24 -0.54 -15.77 36.68
CA ASN B 24 -1.69 -16.08 35.84
C ASN B 24 -1.38 -15.61 34.42
N CYS B 25 -0.74 -16.50 33.67
CA CYS B 25 -0.26 -16.21 32.33
C CYS B 25 -0.65 -17.34 31.39
N GLN B 26 -0.77 -17.00 30.11
CA GLN B 26 -1.02 -18.00 29.06
C GLN B 26 -0.01 -17.85 27.94
N THR B 27 0.28 -18.95 27.26
CA THR B 27 1.22 -18.95 26.14
C THR B 27 0.59 -18.28 24.92
N GLU B 28 1.39 -17.45 24.23
CA GLU B 28 1.02 -16.87 22.95
C GLU B 28 2.04 -17.39 21.93
N ALA B 29 1.55 -18.11 20.92
CA ALA B 29 2.40 -18.88 20.00
C ALA B 29 2.87 -18.01 18.83
N ASP B 30 3.87 -17.19 19.12
CA ASP B 30 4.39 -16.21 18.19
C ASP B 30 5.56 -16.79 17.40
N ALA B 31 6.22 -15.96 16.59
CA ALA B 31 7.34 -16.42 15.79
C ALA B 31 8.30 -15.27 15.46
N VAL B 32 9.48 -15.61 14.94
CA VAL B 32 10.50 -14.62 14.64
C VAL B 32 10.79 -14.61 13.14
N VAL B 33 10.81 -13.40 12.56
CA VAL B 33 11.05 -13.21 11.13
C VAL B 33 12.31 -12.38 10.93
N LEU B 34 13.11 -12.74 9.92
CA LEU B 34 14.33 -12.01 9.56
C LEU B 34 14.00 -10.76 8.75
N ASP B 35 14.67 -9.65 9.09
CA ASP B 35 14.52 -8.38 8.39
C ASP B 35 14.91 -8.54 6.91
N SER B 36 14.15 -7.87 6.05
CA SER B 36 14.29 -7.99 4.59
C SER B 36 15.67 -7.61 4.03
N ASN B 37 16.42 -6.76 4.76
CA ASN B 37 17.81 -6.42 4.38
C ASN B 37 18.72 -7.65 4.25
N TRP B 38 18.48 -8.69 5.06
CA TRP B 38 19.32 -9.87 5.07
C TRP B 38 18.93 -10.90 4.01
N ARG B 39 17.85 -10.64 3.27
CA ARG B 39 17.34 -11.59 2.28
C ARG B 39 18.05 -11.50 0.95
N TRP B 40 18.14 -12.63 0.28
CA TRP B 40 18.62 -12.69 -1.10
C TRP B 40 17.65 -11.91 -1.99
N ALA B 41 18.17 -10.94 -2.74
CA ALA B 41 17.40 -10.17 -3.73
C ALA B 41 17.84 -10.55 -5.14
N HIS B 42 16.92 -11.09 -5.94
CA HIS B 42 17.23 -11.61 -7.27
C HIS B 42 16.11 -11.33 -8.27
N THR B 43 16.38 -11.63 -9.53
CA THR B 43 15.39 -11.39 -10.60
C THR B 43 14.11 -12.19 -10.36
N THR B 44 12.96 -11.57 -10.64
CA THR B 44 11.65 -12.18 -10.38
C THR B 44 11.43 -13.48 -11.17
N THR B 45 12.03 -13.58 -12.35
CA THR B 45 11.89 -14.74 -13.21
C THR B 45 13.24 -15.43 -13.44
N GLY B 46 14.05 -15.51 -12.40
CA GLY B 46 15.37 -16.14 -12.50
C GLY B 46 16.14 -16.26 -11.19
N TYR B 47 17.46 -16.34 -11.33
CA TYR B 47 18.39 -16.58 -10.21
C TYR B 47 19.43 -15.48 -10.07
N THR B 48 19.35 -14.44 -10.91
CA THR B 48 20.42 -13.46 -11.01
C THR B 48 20.25 -12.46 -9.89
N ASN B 49 21.34 -12.20 -9.16
CA ASN B 49 21.34 -11.25 -8.07
C ASN B 49 21.03 -9.84 -8.56
N CYS B 50 20.13 -9.17 -7.85
CA CYS B 50 19.90 -7.74 -8.03
C CYS B 50 20.79 -6.93 -7.10
N TYR B 51 21.26 -7.56 -6.03
CA TYR B 51 22.16 -6.94 -5.07
C TYR B 51 23.22 -7.98 -4.70
N THR B 52 24.49 -7.59 -4.81
CA THR B 52 25.62 -8.46 -4.45
C THR B 52 26.65 -7.68 -3.66
N GLY B 53 27.06 -8.23 -2.52
CA GLY B 53 28.01 -7.56 -1.64
C GLY B 53 27.35 -6.32 -1.07
N ASN B 54 27.74 -5.16 -1.60
CA ASN B 54 27.17 -3.88 -1.15
C ASN B 54 26.70 -2.97 -2.29
N LEU B 55 26.37 -3.57 -3.44
CA LEU B 55 25.99 -2.86 -4.66
C LEU B 55 24.76 -3.48 -5.31
N TRP B 56 23.87 -2.63 -5.82
CA TRP B 56 22.78 -3.07 -6.68
C TRP B 56 23.32 -3.25 -8.10
N ASP B 57 22.71 -4.15 -8.84
CA ASP B 57 23.07 -4.36 -10.25
C ASP B 57 22.52 -3.17 -11.04
N THR B 58 23.38 -2.41 -11.72
CA THR B 58 22.96 -1.18 -12.41
C THR B 58 22.12 -1.42 -13.68
N THR B 59 22.28 -2.60 -14.30
CA THR B 59 21.44 -2.97 -15.44
C THR B 59 20.03 -3.31 -14.99
N LEU B 60 19.91 -4.06 -13.89
CA LEU B 60 18.60 -4.43 -13.35
C LEU B 60 17.93 -3.31 -12.56
N CYS B 61 18.73 -2.42 -11.98
CA CYS B 61 18.24 -1.39 -11.07
C CYS B 61 18.73 0.02 -11.46
N PRO B 62 18.47 0.46 -12.71
CA PRO B 62 18.86 1.80 -13.11
C PRO B 62 18.04 2.88 -12.41
N THR B 63 16.80 2.54 -12.04
CA THR B 63 15.96 3.37 -11.19
C THR B 63 15.33 2.48 -10.13
N PRO B 64 14.87 3.06 -9.01
CA PRO B 64 14.16 2.28 -8.00
C PRO B 64 12.94 1.52 -8.54
N GLU B 65 12.20 2.17 -9.43
CA GLU B 65 10.96 1.62 -9.99
C GLU B 65 11.26 0.40 -10.85
N THR B 66 12.27 0.53 -11.70
CA THR B 66 12.73 -0.59 -12.55
C THR B 66 13.30 -1.73 -11.72
N CYS B 67 14.12 -1.37 -10.73
CA CYS B 67 14.66 -2.34 -9.76
C CYS B 67 13.55 -3.16 -9.12
N THR B 68 12.51 -2.46 -8.68
CA THR B 68 11.41 -3.09 -7.98
C THR B 68 10.61 -4.02 -8.91
N THR B 69 10.43 -3.61 -10.16
CA THR B 69 9.79 -4.45 -11.16
C THR B 69 10.60 -5.71 -11.45
N ASN B 70 11.92 -5.56 -11.58
CA ASN B 70 12.80 -6.67 -12.00
C ASN B 70 13.16 -7.66 -10.90
N CYS B 71 13.05 -7.25 -9.64
CA CYS B 71 13.67 -7.96 -8.54
C CYS B 71 12.68 -8.47 -7.50
N ALA B 72 13.14 -9.43 -6.69
CA ALA B 72 12.34 -10.02 -5.62
C ALA B 72 13.23 -10.46 -4.47
N ILE B 73 12.68 -10.43 -3.27
CA ILE B 73 13.33 -10.95 -2.05
C ILE B 73 12.79 -12.34 -1.77
N ASP B 74 13.64 -13.24 -1.26
CA ASP B 74 13.23 -14.63 -1.11
C ASP B 74 13.15 -15.04 0.37
N GLY B 75 12.65 -16.26 0.58
CA GLY B 75 12.32 -16.73 1.91
C GLY B 75 13.52 -17.29 2.62
N VAL B 76 13.38 -17.42 3.94
CA VAL B 76 14.36 -18.08 4.79
C VAL B 76 13.77 -19.43 5.21
N PRO B 77 14.29 -20.53 4.65
CA PRO B 77 13.85 -21.85 5.14
C PRO B 77 14.47 -22.18 6.49
N LEU B 78 13.83 -23.11 7.22
CA LEU B 78 14.23 -23.45 8.57
C LEU B 78 15.72 -23.80 8.69
N ALA B 79 16.23 -24.63 7.77
CA ALA B 79 17.65 -25.03 7.78
C ALA B 79 18.62 -23.85 7.68
N ASP B 80 18.23 -22.82 6.94
CA ASP B 80 19.09 -21.65 6.74
C ASP B 80 19.16 -20.72 7.95
N TRP B 81 18.18 -20.79 8.85
CA TRP B 81 18.17 -19.92 10.04
C TRP B 81 19.47 -20.04 10.85
N SER B 82 19.81 -21.27 11.21
CA SER B 82 21.02 -21.55 11.95
C SER B 82 22.25 -21.55 11.04
N GLY B 83 22.18 -22.31 9.94
CA GLY B 83 23.31 -22.48 9.02
C GLY B 83 23.83 -21.21 8.35
N THR B 84 22.91 -20.31 8.00
CA THR B 84 23.24 -19.09 7.28
C THR B 84 23.17 -17.84 8.17
N TYR B 85 22.12 -17.72 8.97
CA TYR B 85 21.83 -16.46 9.70
C TYR B 85 22.14 -16.46 11.19
N GLY B 86 22.50 -17.62 11.74
CA GLY B 86 22.86 -17.73 13.14
C GLY B 86 21.71 -17.60 14.14
N GLY B 87 20.47 -17.80 13.67
CA GLY B 87 19.29 -17.75 14.53
C GLY B 87 18.81 -19.14 14.90
N SER B 88 18.43 -19.31 16.17
CA SER B 88 17.86 -20.56 16.65
C SER B 88 16.95 -20.31 17.84
N VAL B 89 16.02 -21.24 18.05
CA VAL B 89 15.13 -21.23 19.20
C VAL B 89 15.19 -22.57 19.93
N THR B 90 15.25 -22.51 21.26
CA THR B 90 15.08 -23.66 22.13
C THR B 90 13.99 -23.29 23.14
N GLY B 91 12.82 -23.92 23.02
CA GLY B 91 11.68 -23.60 23.89
C GLY B 91 11.27 -22.16 23.73
N ASN B 92 11.37 -21.39 24.82
CA ASN B 92 11.01 -19.96 24.78
C ASN B 92 12.23 -19.03 24.70
N LYS B 93 13.40 -19.58 24.35
CA LYS B 93 14.65 -18.83 24.23
C LYS B 93 15.05 -18.68 22.77
N PHE B 94 15.39 -17.46 22.37
CA PHE B 94 15.84 -17.14 21.02
C PHE B 94 17.30 -16.72 21.07
N ASN B 95 18.13 -17.32 20.22
CA ASN B 95 19.57 -17.06 20.17
C ASN B 95 19.97 -16.48 18.83
N LEU B 96 20.78 -15.42 18.86
CA LEU B 96 21.32 -14.78 17.64
C LEU B 96 22.83 -14.69 17.69
N LYS B 97 23.48 -15.45 16.81
CA LYS B 97 24.93 -15.45 16.62
C LYS B 97 25.33 -14.23 15.80
N PHE B 98 26.45 -13.60 16.18
CA PHE B 98 26.91 -12.40 15.49
C PHE B 98 27.44 -12.68 14.08
N VAL B 99 28.40 -13.59 13.96
CA VAL B 99 28.99 -13.96 12.66
C VAL B 99 28.69 -15.43 12.38
N THR B 100 28.10 -15.70 11.22
CA THR B 100 27.79 -17.08 10.79
C THR B 100 28.42 -17.39 9.43
N VAL B 101 29.38 -18.31 9.43
CA VAL B 101 30.08 -18.75 8.20
C VAL B 101 29.18 -19.13 7.01
N THR B 106 29.37 -15.69 4.46
CA THR B 106 29.56 -15.12 5.80
C THR B 106 28.52 -14.03 6.08
N ASN B 107 27.72 -14.24 7.12
CA ASN B 107 26.68 -13.30 7.54
C ASN B 107 27.10 -12.57 8.81
N ILE B 108 26.90 -11.25 8.85
CA ILE B 108 27.37 -10.41 9.94
C ILE B 108 26.18 -9.66 10.54
N GLY B 109 25.88 -9.95 11.80
CA GLY B 109 24.74 -9.37 12.48
C GLY B 109 23.41 -9.93 12.00
N ALA B 110 22.36 -9.47 12.65
CA ALA B 110 21.00 -9.88 12.32
C ALA B 110 20.03 -8.94 12.98
N ARG B 111 18.93 -8.69 12.31
CA ARG B 111 17.78 -7.96 12.86
C ARG B 111 16.54 -8.79 12.57
N THR B 112 15.70 -8.95 13.60
CA THR B 112 14.53 -9.80 13.52
C THR B 112 13.35 -9.14 14.20
N PHE B 113 12.15 -9.60 13.85
CA PHE B 113 10.92 -9.06 14.40
C PHE B 113 10.02 -10.16 14.92
N LEU B 114 9.19 -9.83 15.90
CA LEU B 114 8.21 -10.80 16.41
C LEU B 114 6.91 -10.74 15.60
N LEU B 115 6.56 -11.89 15.01
CA LEU B 115 5.26 -12.08 14.36
C LEU B 115 4.22 -12.54 15.37
N ASP B 116 2.96 -12.24 15.09
CA ASP B 116 1.84 -12.76 15.87
C ASP B 116 1.56 -14.24 15.53
N SER B 117 0.55 -14.82 16.16
CA SER B 117 0.26 -16.24 16.02
C SER B 117 -0.19 -16.66 14.63
N THR B 118 -0.67 -15.72 13.81
CA THR B 118 -1.04 -16.01 12.42
C THR B 118 0.19 -16.10 11.50
N LYS B 119 1.33 -15.56 11.96
CA LYS B 119 2.58 -15.48 11.17
C LYS B 119 2.47 -14.62 9.91
N THR B 120 1.47 -13.73 9.88
CA THR B 120 1.24 -12.81 8.75
C THR B 120 1.30 -11.33 9.13
N ARG B 121 1.40 -11.01 10.42
CA ARG B 121 1.51 -9.62 10.90
C ARG B 121 2.49 -9.59 12.05
N TYR B 122 3.15 -8.46 12.24
CA TYR B 122 3.95 -8.28 13.45
C TYR B 122 3.03 -8.27 14.66
N ARG B 123 3.52 -8.84 15.75
CA ARG B 123 2.81 -8.78 17.03
C ARG B 123 2.96 -7.36 17.56
N MET B 124 1.89 -6.58 17.53
CA MET B 124 1.93 -5.20 17.96
C MET B 124 1.67 -5.13 19.46
N PHE B 125 2.53 -4.42 20.17
CA PHE B 125 2.42 -4.28 21.62
C PHE B 125 1.95 -2.87 21.95
N GLN B 126 0.79 -2.78 22.59
CA GLN B 126 0.29 -1.52 23.13
C GLN B 126 0.81 -1.44 24.56
N LEU B 127 1.85 -0.63 24.76
CA LEU B 127 2.69 -0.71 25.95
C LEU B 127 2.32 0.22 27.11
N LEU B 128 1.42 1.19 26.90
CA LEU B 128 1.09 2.13 27.98
C LEU B 128 0.37 1.42 29.11
N ASN B 129 0.80 1.69 30.34
CA ASN B 129 0.26 1.07 31.56
C ASN B 129 0.45 -0.45 31.56
N ARG B 130 1.56 -0.90 30.98
CA ARG B 130 1.87 -2.33 30.88
C ARG B 130 3.30 -2.54 31.30
N GLU B 131 3.64 -3.81 31.47
CA GLU B 131 4.94 -4.28 31.89
C GLU B 131 5.41 -5.27 30.84
N PHE B 132 6.66 -5.12 30.39
CA PHE B 132 7.27 -6.03 29.42
C PHE B 132 8.56 -6.54 30.04
N THR B 133 8.73 -7.86 30.01
CA THR B 133 9.76 -8.57 30.76
C THR B 133 10.39 -9.68 29.91
N TYR B 134 11.69 -9.90 30.06
CA TYR B 134 12.38 -11.00 29.34
C TYR B 134 13.69 -11.33 30.05
N ASP B 135 14.21 -12.52 29.74
CA ASP B 135 15.51 -12.97 30.24
C ASP B 135 16.53 -12.80 29.14
N VAL B 136 17.74 -12.42 29.51
CA VAL B 136 18.79 -12.08 28.56
C VAL B 136 20.14 -12.64 29.01
N ASP B 137 20.95 -12.99 28.02
CA ASP B 137 22.35 -13.36 28.25
C ASP B 137 23.18 -12.57 27.23
N VAL B 138 23.99 -11.66 27.74
CA VAL B 138 24.95 -10.89 26.93
C VAL B 138 26.40 -11.15 27.37
N SER B 139 26.63 -12.25 28.09
CA SER B 139 27.96 -12.60 28.61
C SER B 139 29.05 -12.76 27.55
N SER B 140 28.68 -13.15 26.34
CA SER B 140 29.65 -13.31 25.24
C SER B 140 29.80 -12.06 24.34
N LEU B 141 29.10 -10.96 24.68
CA LEU B 141 29.22 -9.70 23.96
C LEU B 141 30.10 -8.72 24.73
N ASP B 142 31.18 -8.26 24.08
CA ASP B 142 32.15 -7.37 24.70
C ASP B 142 32.10 -6.02 23.99
N CYS B 143 33.02 -5.12 24.36
CA CYS B 143 33.18 -3.82 23.73
C CYS B 143 32.99 -3.86 22.21
N GLY B 144 32.15 -2.97 21.68
CA GLY B 144 31.94 -2.86 20.25
C GLY B 144 30.72 -3.57 19.68
N LEU B 145 30.13 -4.47 20.48
CA LEU B 145 28.95 -5.22 20.08
C LEU B 145 27.74 -4.76 20.86
N ASN B 146 26.57 -5.02 20.29
CA ASN B 146 25.29 -4.62 20.89
C ASN B 146 24.28 -5.71 20.57
N GLY B 147 23.72 -6.32 21.63
CA GLY B 147 22.58 -7.22 21.51
C GLY B 147 21.37 -6.44 21.96
N ALA B 148 20.57 -5.98 21.00
CA ALA B 148 19.53 -5.01 21.29
C ALA B 148 18.12 -5.58 21.20
N LEU B 149 17.27 -5.14 22.12
CA LEU B 149 15.84 -5.45 22.12
C LEU B 149 15.13 -4.11 22.25
N TYR B 150 14.22 -3.85 21.33
CA TYR B 150 13.57 -2.55 21.24
C TYR B 150 12.30 -2.59 20.43
N PHE B 151 11.53 -1.51 20.51
CA PHE B 151 10.27 -1.39 19.79
C PHE B 151 10.37 -0.24 18.80
N VAL B 152 9.70 -0.38 17.66
CA VAL B 152 9.62 0.68 16.67
C VAL B 152 8.20 0.82 16.12
N SER B 153 7.89 2.00 15.61
CA SER B 153 6.56 2.29 15.06
C SER B 153 6.43 1.87 13.58
N MET B 154 6.77 0.62 13.31
CA MET B 154 6.49 -0.03 12.04
C MET B 154 5.00 -0.30 11.94
N ASP B 155 4.51 -0.42 10.71
CA ASP B 155 3.15 -0.94 10.47
C ASP B 155 3.12 -2.44 10.70
N ALA B 156 1.97 -2.93 11.18
CA ALA B 156 1.75 -4.35 11.49
C ALA B 156 1.92 -5.28 10.28
N ASP B 157 1.66 -4.74 9.08
CA ASP B 157 1.83 -5.48 7.83
C ASP B 157 3.10 -5.11 7.06
N GLY B 158 4.06 -4.49 7.75
CA GLY B 158 5.28 -3.99 7.13
C GLY B 158 5.11 -2.95 6.04
N GLY B 159 3.93 -2.34 5.95
CA GLY B 159 3.61 -1.39 4.89
C GLY B 159 2.85 -1.92 3.68
N ALA B 160 2.51 -3.22 3.66
CA ALA B 160 1.83 -3.85 2.51
C ALA B 160 0.59 -3.07 2.03
N ALA B 161 -0.24 -2.63 2.97
CA ALA B 161 -1.47 -1.91 2.63
C ALA B 161 -1.19 -0.53 2.04
N LYS B 162 -0.15 0.14 2.56
CA LYS B 162 0.23 1.47 2.06
C LYS B 162 0.97 1.43 0.74
N TYR B 163 1.80 0.40 0.56
CA TYR B 163 2.71 0.31 -0.58
C TYR B 163 2.50 -1.03 -1.27
N PRO B 164 1.56 -1.10 -2.22
CA PRO B 164 1.20 -2.42 -2.77
C PRO B 164 2.32 -3.15 -3.54
N THR B 165 3.37 -2.44 -3.93
CA THR B 165 4.58 -3.10 -4.48
C THR B 165 5.35 -3.92 -3.44
N ASN B 166 5.05 -3.73 -2.15
CA ASN B 166 5.51 -4.60 -1.07
C ASN B 166 4.58 -5.82 -0.96
N LYS B 167 5.00 -6.91 -1.60
CA LYS B 167 4.21 -8.14 -1.68
C LYS B 167 4.39 -9.05 -0.45
N GLY B 168 5.50 -8.91 0.26
CA GLY B 168 5.81 -9.79 1.39
C GLY B 168 5.26 -9.34 2.73
N GLY B 169 5.22 -8.03 2.95
CA GLY B 169 4.74 -7.47 4.22
C GLY B 169 5.54 -7.95 5.41
N ALA B 170 4.85 -8.16 6.54
CA ALA B 170 5.48 -8.64 7.76
C ALA B 170 6.06 -10.03 7.59
N LYS B 171 5.44 -10.85 6.75
CA LYS B 171 5.91 -12.21 6.51
C LYS B 171 7.36 -12.25 6.00
N TYR B 172 7.79 -11.22 5.27
CA TYR B 172 9.18 -11.11 4.78
C TYR B 172 10.02 -10.04 5.51
N GLY B 173 9.61 -9.66 6.72
CA GLY B 173 10.39 -8.72 7.53
C GLY B 173 10.62 -7.36 6.90
N THR B 174 9.61 -6.86 6.18
CA THR B 174 9.70 -5.56 5.51
C THR B 174 9.18 -4.42 6.40
N GLY B 175 9.51 -3.20 5.98
CA GLY B 175 8.98 -1.99 6.57
C GLY B 175 9.77 -1.42 7.73
N TYR B 176 11.00 -1.85 7.92
CA TYR B 176 11.82 -1.35 9.03
C TYR B 176 12.02 0.16 8.92
N CYS B 177 11.85 0.81 10.07
CA CYS B 177 12.16 2.21 10.27
C CYS B 177 12.63 2.33 11.73
N ASP B 178 13.35 3.41 12.03
CA ASP B 178 13.68 3.71 13.43
C ASP B 178 14.03 5.20 13.59
N ALA B 179 14.36 5.59 14.82
CA ALA B 179 14.58 7.01 15.12
C ALA B 179 15.89 7.57 14.58
N GLN B 180 16.75 6.72 14.02
CA GLN B 180 17.92 7.17 13.28
C GLN B 180 17.65 7.53 11.81
N CYS B 181 16.43 7.31 11.33
CA CYS B 181 16.09 7.56 9.91
C CYS B 181 17.15 6.96 8.97
N PRO B 182 17.42 5.64 9.12
CA PRO B 182 18.54 5.01 8.42
C PRO B 182 18.35 4.94 6.91
N HIS B 183 19.41 5.25 6.18
CA HIS B 183 19.48 5.12 4.74
C HIS B 183 19.94 3.73 4.29
N ASP B 184 20.40 2.89 5.23
CA ASP B 184 20.90 1.56 4.89
C ASP B 184 19.81 0.49 4.69
N VAL B 185 18.55 0.90 4.83
CA VAL B 185 17.42 0.02 4.58
C VAL B 185 17.25 -0.10 3.05
N LYS B 186 17.23 -1.34 2.57
CA LYS B 186 17.27 -1.63 1.14
C LYS B 186 15.92 -1.48 0.46
N TRP B 187 14.83 -1.62 1.22
CA TRP B 187 13.48 -1.54 0.69
C TRP B 187 12.66 -0.61 1.56
N ILE B 188 12.19 0.50 0.98
CA ILE B 188 11.41 1.51 1.71
C ILE B 188 10.22 1.91 0.86
N ASN B 189 9.04 1.99 1.50
CA ASN B 189 7.79 2.32 0.82
C ASN B 189 7.52 1.39 -0.39
N GLY B 190 7.82 0.10 -0.19
CA GLY B 190 7.61 -0.91 -1.21
C GLY B 190 8.54 -0.88 -2.40
N LEU B 191 9.60 -0.05 -2.33
CA LEU B 191 10.50 0.17 -3.46
C LEU B 191 11.93 -0.05 -3.01
N ALA B 192 12.76 -0.53 -3.94
CA ALA B 192 14.18 -0.60 -3.70
C ALA B 192 14.70 0.80 -3.43
N ASN B 193 15.53 0.94 -2.40
CA ASN B 193 16.14 2.22 -2.06
C ASN B 193 17.47 2.34 -2.82
N SER B 194 17.42 2.13 -4.14
CA SER B 194 18.62 1.97 -4.95
C SER B 194 19.16 3.29 -5.55
N LYS B 195 18.39 4.37 -5.46
CA LYS B 195 18.82 5.67 -5.99
C LYS B 195 20.03 6.18 -5.20
N ASP B 196 21.06 6.60 -5.92
CA ASP B 196 22.30 7.13 -5.34
C ASP B 196 22.94 6.19 -4.31
N TRP B 197 22.80 4.88 -4.52
CA TRP B 197 23.28 3.91 -3.54
C TRP B 197 24.79 3.98 -3.42
N THR B 198 25.27 4.03 -2.18
CA THR B 198 26.69 4.17 -1.91
C THR B 198 27.11 3.10 -0.93
N PRO B 199 28.08 2.24 -1.31
CA PRO B 199 28.64 1.30 -0.32
C PRO B 199 29.19 2.02 0.91
N ILE B 200 29.11 1.37 2.07
CA ILE B 200 29.75 1.88 3.27
C ILE B 200 31.17 1.29 3.28
N PRO B 201 32.20 2.16 3.24
CA PRO B 201 33.58 1.67 3.29
C PRO B 201 33.85 0.78 4.52
N GLY B 202 34.54 -0.33 4.30
CA GLY B 202 34.82 -1.31 5.35
C GLY B 202 33.62 -2.12 5.80
N ASP B 203 32.52 -2.05 5.05
CA ASP B 203 31.33 -2.88 5.28
C ASP B 203 30.99 -3.54 3.95
N ALA B 204 31.46 -4.77 3.79
CA ALA B 204 31.27 -5.53 2.54
C ALA B 204 29.81 -5.90 2.21
N ASN B 205 28.89 -5.77 3.19
CA ASN B 205 27.47 -6.13 3.01
C ASN B 205 26.48 -4.98 2.92
N SER B 206 26.89 -3.77 3.26
CA SER B 206 25.94 -2.67 3.44
C SER B 206 26.27 -1.40 2.66
N GLY B 207 25.22 -0.63 2.37
CA GLY B 207 25.32 0.68 1.76
C GLY B 207 24.19 1.58 2.21
N LYS B 208 24.10 2.76 1.59
CA LYS B 208 23.11 3.78 1.95
C LYS B 208 22.48 4.29 0.67
N GLY B 209 21.14 4.35 0.66
CA GLY B 209 20.40 4.87 -0.47
C GLY B 209 19.92 6.28 -0.23
N TYR B 210 19.27 6.84 -1.25
CA TYR B 210 18.81 8.22 -1.24
C TYR B 210 17.90 8.52 -0.05
N TYR B 211 16.95 7.61 0.22
CA TYR B 211 15.97 7.80 1.29
C TYR B 211 16.41 7.16 2.60
N GLY B 212 15.92 7.74 3.69
CA GLY B 212 15.94 7.10 5.00
C GLY B 212 14.52 6.71 5.39
N ASN B 213 14.37 5.98 6.50
CA ASN B 213 13.04 5.60 6.97
C ASN B 213 12.90 5.86 8.47
N CYS B 214 12.08 6.86 8.80
CA CYS B 214 11.94 7.36 10.16
C CYS B 214 10.72 6.80 10.84
N CYS B 215 10.85 6.49 12.12
CA CYS B 215 9.69 6.32 13.00
C CYS B 215 10.15 6.30 14.45
N ALA B 216 9.17 6.41 15.35
CA ALA B 216 9.43 6.43 16.79
C ALA B 216 10.04 5.10 17.24
N GLU B 217 10.84 5.18 18.31
CA GLU B 217 11.61 4.05 18.78
C GLU B 217 11.70 4.08 20.30
N LEU B 218 11.47 2.92 20.91
CA LEU B 218 11.57 2.76 22.35
C LEU B 218 12.61 1.67 22.61
N ASP B 219 13.78 2.08 23.08
CA ASP B 219 14.88 1.14 23.29
C ASP B 219 14.80 0.57 24.70
N ILE B 220 14.44 -0.71 24.77
CA ILE B 220 14.39 -1.41 26.04
C ILE B 220 15.80 -1.77 26.48
N TRP B 221 16.64 -2.11 25.52
CA TRP B 221 17.91 -2.76 25.80
C TRP B 221 18.90 -2.54 24.67
N GLU B 222 19.88 -1.68 24.92
CA GLU B 222 21.05 -1.50 24.07
C GLU B 222 22.20 -1.91 24.98
N ALA B 223 22.92 -2.98 24.64
CA ALA B 223 23.83 -3.56 25.62
C ALA B 223 24.87 -4.54 25.11
N ASN B 224 25.96 -4.58 25.85
CA ASN B 224 26.87 -5.72 25.87
C ASN B 224 27.18 -6.00 27.35
N LYS B 225 28.19 -6.84 27.62
CA LYS B 225 28.53 -7.16 29.00
C LYS B 225 29.13 -5.98 29.79
N GLN B 226 29.57 -4.92 29.11
CA GLN B 226 30.23 -3.77 29.76
C GLN B 226 29.30 -2.62 30.15
N SER B 227 28.33 -2.33 29.29
CA SER B 227 27.37 -1.23 29.49
C SER B 227 26.01 -1.56 28.90
N GLN B 228 24.98 -0.96 29.49
CA GLN B 228 23.60 -1.10 29.01
C GLN B 228 22.83 0.21 29.16
N ALA B 229 21.83 0.41 28.31
CA ALA B 229 21.02 1.63 28.32
C ALA B 229 19.61 1.34 27.87
N PHE B 230 18.70 2.18 28.33
CA PHE B 230 17.33 2.21 27.81
C PHE B 230 16.97 3.66 27.53
N THR B 231 16.21 3.87 26.46
CA THR B 231 16.12 5.18 25.80
C THR B 231 14.79 5.36 25.05
N THR B 232 14.22 6.56 25.17
CA THR B 232 13.02 6.94 24.43
C THR B 232 13.42 7.83 23.26
N HIS B 233 12.85 7.56 22.08
CA HIS B 233 13.06 8.37 20.88
C HIS B 233 11.71 8.73 20.21
N PRO B 234 11.07 9.83 20.63
CA PRO B 234 9.89 10.26 19.87
C PRO B 234 10.27 10.91 18.53
N CYS B 235 9.32 10.90 17.59
CA CYS B 235 9.46 11.61 16.31
C CYS B 235 8.18 12.40 16.07
N THR B 236 8.25 13.40 15.19
CA THR B 236 7.07 14.18 14.78
C THR B 236 6.90 14.09 13.27
N PRO B 237 5.98 13.29 12.75
CA PRO B 237 5.11 12.37 13.51
C PRO B 237 5.85 11.08 13.92
N ASN B 238 5.17 10.21 14.66
CA ASN B 238 5.76 8.96 15.14
C ASN B 238 5.77 7.84 14.10
N ASP B 239 4.81 7.85 13.18
CA ASP B 239 4.62 6.74 12.24
C ASP B 239 5.67 6.68 11.13
N GLN B 240 5.77 5.53 10.50
CA GLN B 240 6.75 5.28 9.44
C GLN B 240 6.69 6.37 8.37
N THR B 241 7.82 7.02 8.15
CA THR B 241 7.91 8.15 7.25
C THR B 241 9.22 8.06 6.47
N ARG B 242 9.11 7.83 5.16
CA ARG B 242 10.26 7.90 4.28
C ARG B 242 10.73 9.34 4.23
N CYS B 243 12.03 9.54 4.36
CA CYS B 243 12.60 10.88 4.43
C CYS B 243 13.65 11.09 3.36
N GLU B 244 13.82 12.35 2.98
CA GLU B 244 14.95 12.80 2.20
C GLU B 244 15.30 14.19 2.68
N GLY B 245 16.50 14.66 2.35
CA GLY B 245 16.97 15.98 2.75
C GLY B 245 17.01 16.14 4.26
N VAL B 246 16.66 17.33 4.72
CA VAL B 246 16.80 17.71 6.13
C VAL B 246 15.91 16.89 7.08
N VAL B 247 14.78 16.38 6.60
CA VAL B 247 13.83 15.62 7.42
C VAL B 247 14.48 14.37 8.05
N CYS B 248 15.41 13.74 7.34
CA CYS B 248 16.13 12.57 7.88
C CYS B 248 17.04 12.90 9.05
N GLY B 249 17.45 14.15 9.16
CA GLY B 249 18.37 14.57 10.19
C GLY B 249 19.71 13.88 10.10
N ASP B 250 20.27 13.83 8.89
CA ASP B 250 21.51 13.11 8.62
C ASP B 250 22.68 13.69 9.42
N ASN B 251 23.45 12.81 10.06
CA ASN B 251 24.64 13.19 10.80
C ASN B 251 25.68 13.88 9.90
N ASP B 252 25.86 13.34 8.70
CA ASP B 252 26.94 13.78 7.81
C ASP B 252 26.77 15.18 7.24
N SER B 253 25.55 15.69 7.17
CA SER B 253 25.29 17.05 6.70
C SER B 253 25.04 18.05 7.86
N GLY B 254 25.40 17.69 9.09
CA GLY B 254 25.18 18.56 10.25
C GLY B 254 23.72 18.70 10.66
N ASP B 255 22.89 17.75 10.27
CA ASP B 255 21.45 17.84 10.48
C ASP B 255 20.90 16.95 11.60
N ARG B 256 21.78 16.41 12.46
CA ARG B 256 21.33 15.48 13.53
C ARG B 256 20.13 15.99 14.32
N TYR B 257 20.10 17.30 14.58
CA TYR B 257 19.04 17.94 15.36
C TYR B 257 18.03 18.75 14.52
N ASN B 258 18.03 18.55 13.22
CA ASN B 258 17.13 19.29 12.31
C ASN B 258 16.06 18.42 11.67
N GLY B 259 16.07 17.12 11.97
CA GLY B 259 15.16 16.18 11.34
C GLY B 259 13.93 15.96 12.18
N MET B 260 13.13 14.99 11.74
CA MET B 260 11.83 14.70 12.35
C MET B 260 11.91 13.84 13.61
N CYS B 261 13.04 13.14 13.80
CA CYS B 261 13.23 12.23 14.94
C CYS B 261 14.27 12.76 15.93
N ASP B 262 14.05 12.42 17.20
CA ASP B 262 15.01 12.65 18.27
C ASP B 262 16.06 11.52 18.23
N LYS B 263 17.18 11.80 17.57
CA LYS B 263 18.22 10.79 17.36
C LYS B 263 18.98 10.37 18.62
N ASP B 264 19.33 11.32 19.48
CA ASP B 264 20.00 10.97 20.74
C ASP B 264 19.07 10.15 21.61
N GLY B 265 17.82 10.57 21.65
CA GLY B 265 16.85 10.00 22.59
C GLY B 265 17.13 10.49 24.00
N CYS B 266 16.20 10.22 24.90
CA CYS B 266 16.45 10.44 26.32
C CYS B 266 16.82 9.09 26.94
N ASP B 267 18.08 8.97 27.33
CA ASP B 267 18.65 7.71 27.79
C ASP B 267 18.77 7.68 29.32
N PHE B 268 18.53 6.50 29.86
CA PHE B 268 19.03 6.13 31.18
C PHE B 268 20.03 5.00 30.98
N ALA B 269 21.31 5.31 31.17
CA ALA B 269 22.42 4.36 31.05
C ALA B 269 23.21 4.44 32.34
N SER B 270 23.14 3.37 33.14
CA SER B 270 23.66 3.38 34.52
C SER B 270 25.07 3.95 34.65
N TYR B 271 25.97 3.50 33.79
CA TYR B 271 27.38 3.92 33.85
C TYR B 271 27.50 5.41 33.52
N ARG B 272 26.84 5.84 32.43
CA ARG B 272 26.80 7.26 32.05
C ARG B 272 26.21 8.17 33.13
N MET B 273 25.22 7.66 33.87
CA MET B 273 24.62 8.37 35.01
C MET B 273 25.47 8.31 36.31
N ASN B 274 26.68 7.76 36.18
CA ASN B 274 27.74 7.81 37.17
C ASN B 274 27.61 6.78 38.29
N ASP B 275 27.08 5.60 37.94
CA ASP B 275 27.22 4.42 38.77
C ASP B 275 27.97 3.38 37.96
N HIS B 276 29.30 3.35 38.15
CA HIS B 276 30.16 2.46 37.39
C HIS B 276 30.23 1.04 37.91
N THR B 277 29.66 0.79 39.10
CA THR B 277 29.73 -0.51 39.76
C THR B 277 28.40 -1.29 39.73
N PHE B 278 27.37 -0.71 39.13
CA PHE B 278 26.06 -1.34 39.06
C PHE B 278 26.04 -2.58 38.16
N TYR B 279 26.59 -2.44 36.96
CA TYR B 279 26.48 -3.46 35.91
C TYR B 279 27.82 -3.76 35.28
N GLY B 280 28.20 -5.04 35.25
CA GLY B 280 29.49 -5.42 34.66
C GLY B 280 29.78 -6.89 34.79
N PRO B 281 30.85 -7.37 34.12
CA PRO B 281 31.12 -8.79 34.00
C PRO B 281 31.87 -9.33 35.19
N GLY B 282 31.16 -9.53 36.30
CA GLY B 282 31.75 -10.10 37.49
C GLY B 282 30.81 -10.03 38.67
N SER B 283 31.15 -10.82 39.69
CA SER B 283 30.43 -10.80 40.97
C SER B 283 30.61 -9.52 41.78
N THR B 284 31.61 -8.70 41.45
CA THR B 284 31.76 -7.40 42.14
C THR B 284 30.67 -6.39 41.76
N PHE B 285 29.92 -6.67 40.70
CA PHE B 285 28.92 -5.76 40.17
C PHE B 285 27.56 -6.15 40.76
N LYS B 286 26.65 -5.18 40.89
CA LYS B 286 25.34 -5.46 41.47
C LYS B 286 24.56 -6.40 40.57
N LEU B 287 24.65 -6.15 39.27
CA LEU B 287 24.08 -7.00 38.23
C LEU B 287 25.23 -7.57 37.42
N ASP B 288 25.36 -8.89 37.47
CA ASP B 288 26.53 -9.61 36.95
C ASP B 288 26.26 -10.05 35.51
N SER B 289 26.87 -9.35 34.56
CA SER B 289 26.62 -9.60 33.14
C SER B 289 27.29 -10.87 32.58
N THR B 290 28.10 -11.58 33.39
CA THR B 290 28.60 -12.90 33.00
C THR B 290 27.54 -14.01 33.11
N LYS B 291 26.40 -13.71 33.74
CA LYS B 291 25.31 -14.67 33.90
C LYS B 291 24.01 -14.09 33.35
N PRO B 292 23.03 -14.94 33.03
CA PRO B 292 21.73 -14.41 32.59
C PRO B 292 21.01 -13.64 33.69
N PHE B 293 20.06 -12.80 33.30
CA PHE B 293 19.20 -12.06 34.23
C PHE B 293 17.92 -11.64 33.55
N THR B 294 16.96 -11.20 34.36
CA THR B 294 15.64 -10.76 33.90
C THR B 294 15.62 -9.25 33.89
N VAL B 295 15.07 -8.68 32.81
CA VAL B 295 14.92 -7.24 32.63
C VAL B 295 13.42 -6.90 32.64
N VAL B 296 12.99 -6.07 33.60
CA VAL B 296 11.58 -5.70 33.72
C VAL B 296 11.43 -4.22 33.39
N SER B 297 10.48 -3.89 32.50
CA SER B 297 10.23 -2.53 32.09
C SER B 297 8.76 -2.22 32.33
N GLN B 298 8.48 -1.09 32.98
CA GLN B 298 7.13 -0.68 33.32
C GLN B 298 6.88 0.71 32.72
N PHE B 299 5.75 0.86 32.03
CA PHE B 299 5.44 2.09 31.31
C PHE B 299 4.27 2.76 32.01
N ILE B 300 4.60 3.75 32.84
CA ILE B 300 3.66 4.35 33.78
C ILE B 300 2.99 5.53 33.10
N THR B 301 1.68 5.66 33.30
CA THR B 301 0.93 6.79 32.74
C THR B 301 0.57 7.80 33.82
N THR B 302 0.11 8.97 33.38
CA THR B 302 -0.27 10.08 34.27
C THR B 302 -1.39 9.72 35.27
N ASP B 303 -2.36 8.91 34.85
CA ASP B 303 -3.50 8.55 35.71
C ASP B 303 -3.57 7.06 36.08
N GLY B 304 -2.53 6.30 35.72
CA GLY B 304 -2.51 4.86 35.99
C GLY B 304 -3.45 4.02 35.14
N THR B 305 -3.91 4.58 34.02
CA THR B 305 -4.80 3.89 33.10
C THR B 305 -4.19 3.88 31.72
N ASP B 306 -4.82 3.11 30.84
CA ASP B 306 -4.40 3.00 29.45
C ASP B 306 -4.64 4.30 28.65
N ASN B 307 -5.53 5.17 29.15
CA ASN B 307 -5.85 6.43 28.49
C ASN B 307 -4.98 7.62 28.89
N GLY B 308 -4.21 7.48 29.97
CA GLY B 308 -3.30 8.53 30.40
C GLY B 308 -2.14 8.74 29.45
N ASP B 309 -1.43 9.86 29.65
CA ASP B 309 -0.21 10.14 28.90
C ASP B 309 0.95 9.34 29.50
N PHE B 310 1.88 8.90 28.66
CA PHE B 310 3.12 8.27 29.15
C PHE B 310 3.89 9.28 30.00
N LYS B 311 4.22 8.88 31.24
CA LYS B 311 4.97 9.77 32.16
C LYS B 311 6.32 9.21 32.62
N GLU B 312 6.47 7.89 32.69
CA GLU B 312 7.67 7.31 33.27
C GLU B 312 7.99 5.91 32.77
N PHE B 313 9.24 5.71 32.39
CA PHE B 313 9.79 4.41 32.02
C PHE B 313 10.59 3.93 33.23
N ARG B 314 10.04 2.97 33.98
CA ARG B 314 10.73 2.35 35.12
C ARG B 314 11.39 1.03 34.74
N ARG B 315 12.41 0.67 35.51
CA ARG B 315 13.23 -0.51 35.26
C ARG B 315 13.63 -1.16 36.56
N PHE B 316 13.54 -2.49 36.62
CA PHE B 316 14.28 -3.26 37.64
C PHE B 316 14.68 -4.61 37.06
N TYR B 317 15.52 -5.32 37.80
CA TYR B 317 16.10 -6.57 37.33
C TYR B 317 15.88 -7.68 38.33
N VAL B 318 15.96 -8.92 37.86
CA VAL B 318 16.00 -10.09 38.74
C VAL B 318 17.12 -10.99 38.26
N GLN B 319 18.02 -11.37 39.16
CA GLN B 319 19.12 -12.28 38.82
C GLN B 319 19.24 -13.32 39.91
N ASN B 320 19.11 -14.58 39.51
CA ASN B 320 19.12 -15.72 40.42
C ASN B 320 18.13 -15.54 41.57
N GLY B 321 16.93 -15.07 41.25
CA GLY B 321 15.86 -14.86 42.23
C GLY B 321 15.97 -13.62 43.12
N VAL B 322 16.98 -12.79 42.89
CA VAL B 322 17.23 -11.61 43.71
C VAL B 322 16.76 -10.39 42.92
N ARG B 323 15.80 -9.65 43.47
CA ARG B 323 15.33 -8.42 42.86
C ARG B 323 16.39 -7.33 43.01
N ILE B 324 16.67 -6.61 41.92
CA ILE B 324 17.68 -5.57 41.87
C ILE B 324 17.04 -4.32 41.29
N GLU B 325 16.92 -3.28 42.12
CA GLU B 325 16.31 -2.02 41.71
C GLU B 325 17.28 -1.27 40.80
N ASN B 326 16.74 -0.36 39.98
CA ASN B 326 17.59 0.36 39.05
C ASN B 326 18.61 1.23 39.79
N SER B 327 19.76 1.46 39.16
CA SER B 327 20.71 2.44 39.66
C SER B 327 20.12 3.85 39.57
N LYS B 328 20.83 4.81 40.12
CA LYS B 328 20.36 6.19 40.17
C LYS B 328 21.37 7.16 39.57
N VAL B 329 20.86 8.29 39.12
CA VAL B 329 21.70 9.39 38.68
C VAL B 329 22.53 9.86 39.88
N ASN B 330 23.82 10.06 39.67
CA ASN B 330 24.78 10.30 40.76
C ASN B 330 25.72 11.45 40.42
N PHE B 331 25.18 12.67 40.48
CA PHE B 331 25.96 13.89 40.26
C PHE B 331 25.57 14.93 41.31
N PRO B 332 26.55 15.71 41.81
CA PRO B 332 26.23 16.76 42.79
C PRO B 332 25.16 17.74 42.29
N GLY B 333 24.17 18.02 43.13
CA GLY B 333 23.11 18.97 42.78
C GLY B 333 22.05 18.50 41.79
N ILE B 334 22.10 17.22 41.39
CA ILE B 334 21.10 16.64 40.50
C ILE B 334 20.31 15.62 41.31
N THR B 335 18.98 15.64 41.15
CA THR B 335 18.12 14.65 41.80
C THR B 335 18.52 13.25 41.37
N ALA B 336 18.44 12.30 42.30
CA ALA B 336 18.86 10.93 42.05
C ALA B 336 17.77 10.14 41.31
N TYR B 337 17.51 10.52 40.06
CA TYR B 337 16.48 9.85 39.24
C TYR B 337 16.87 8.40 39.01
N ASP B 338 15.87 7.52 38.92
CA ASP B 338 16.13 6.11 38.56
C ASP B 338 15.23 5.62 37.42
N SER B 339 14.72 6.55 36.63
CA SER B 339 13.77 6.24 35.58
C SER B 339 13.79 7.35 34.55
N ILE B 340 13.16 7.12 33.41
CA ILE B 340 13.01 8.17 32.40
C ILE B 340 11.71 8.94 32.62
N THR B 341 11.84 10.24 32.83
CA THR B 341 10.72 11.20 32.86
C THR B 341 11.17 12.46 32.13
N ASP B 342 10.22 13.32 31.75
CA ASP B 342 10.56 14.62 31.14
C ASP B 342 11.54 15.42 32.00
N GLU B 343 11.30 15.47 33.30
CA GLU B 343 12.17 16.21 34.23
C GLU B 343 13.59 15.65 34.25
N MET B 344 13.72 14.32 34.35
CA MET B 344 15.03 13.66 34.32
C MET B 344 15.77 14.02 33.03
N CYS B 345 15.06 13.97 31.90
CA CYS B 345 15.64 14.29 30.59
C CYS B 345 16.16 15.71 30.53
N ALA B 346 15.36 16.67 30.99
CA ALA B 346 15.77 18.07 31.01
C ALA B 346 16.98 18.31 31.93
N ALA B 347 16.92 17.74 33.14
CA ALA B 347 17.98 17.94 34.14
C ALA B 347 19.31 17.32 33.70
N THR B 348 19.28 16.08 33.23
CA THR B 348 20.50 15.36 32.86
C THR B 348 21.10 15.90 31.56
N LYS B 349 20.27 16.20 30.58
CA LYS B 349 20.76 16.79 29.33
C LYS B 349 21.31 18.19 29.59
N GLY B 350 20.66 18.95 30.48
CA GLY B 350 21.21 20.22 30.98
C GLY B 350 22.61 20.08 31.55
N LEU B 351 22.80 19.10 32.43
CA LEU B 351 24.12 18.81 33.01
C LEU B 351 25.15 18.41 31.94
N PHE B 352 24.75 17.52 31.05
CA PHE B 352 25.64 16.98 30.01
C PHE B 352 25.94 17.97 28.88
N GLY B 353 25.12 19.02 28.76
CA GLY B 353 25.23 19.95 27.65
C GLY B 353 24.70 19.36 26.35
N ASP B 354 23.76 18.42 26.44
CA ASP B 354 23.12 17.82 25.26
C ASP B 354 21.85 18.58 24.94
N LEU B 355 21.62 18.86 23.66
CA LEU B 355 20.37 19.50 23.22
C LEU B 355 19.18 18.61 23.53
N ASP B 356 18.15 19.15 24.17
CA ASP B 356 16.98 18.36 24.54
C ASP B 356 16.02 18.26 23.36
N ASP B 357 16.42 17.48 22.35
CA ASP B 357 15.58 17.28 21.16
C ASP B 357 14.38 16.39 21.50
N HIS B 358 14.54 15.54 22.53
CA HIS B 358 13.44 14.77 23.12
C HIS B 358 12.24 15.67 23.43
N LYS B 359 12.49 16.76 24.16
CA LYS B 359 11.47 17.76 24.47
C LYS B 359 10.94 18.45 23.21
N ASN B 360 11.82 18.80 22.29
CA ASN B 360 11.39 19.42 21.01
C ASN B 360 10.43 18.53 20.23
N LYS B 361 10.62 17.22 20.31
CA LYS B 361 9.76 16.26 19.62
C LYS B 361 8.49 15.86 20.38
N GLY B 362 8.22 16.51 21.52
CA GLY B 362 6.98 16.29 22.28
C GLY B 362 7.15 15.42 23.52
N GLY B 363 8.39 15.01 23.79
CA GLY B 363 8.73 14.35 25.05
C GLY B 363 8.05 13.03 25.31
N MET B 364 7.85 12.74 26.59
CA MET B 364 7.24 11.48 27.00
C MET B 364 5.83 11.33 26.43
N LYS B 365 5.06 12.42 26.40
CA LYS B 365 3.70 12.37 25.82
C LYS B 365 3.71 11.87 24.38
N GLN B 366 4.59 12.44 23.54
CA GLN B 366 4.68 12.02 22.14
C GLN B 366 5.15 10.57 22.03
N MET B 367 6.15 10.20 22.84
CA MET B 367 6.61 8.81 22.87
C MET B 367 5.44 7.88 23.18
N GLY B 368 4.61 8.29 24.14
CA GLY B 368 3.43 7.53 24.54
C GLY B 368 2.38 7.32 23.46
N GLU B 369 2.20 8.31 22.59
CA GLU B 369 1.25 8.19 21.47
C GLU B 369 1.65 7.06 20.52
N ALA B 370 2.95 6.92 20.27
CA ALA B 370 3.47 5.78 19.50
C ALA B 370 3.15 4.45 20.20
N MET B 371 3.37 4.44 21.51
CA MET B 371 3.13 3.26 22.32
C MET B 371 1.65 2.88 22.42
N ARG B 372 0.79 3.90 22.43
CA ARG B 372 -0.67 3.71 22.41
C ARG B 372 -1.14 3.04 21.12
N LYS B 373 -0.65 3.50 19.98
CA LYS B 373 -1.02 2.90 18.69
C LYS B 373 -0.53 1.44 18.56
N GLY B 374 0.60 1.14 19.19
CA GLY B 374 1.18 -0.19 19.13
C GLY B 374 2.48 -0.16 18.35
N MET B 375 3.46 -0.92 18.82
CA MET B 375 4.80 -0.94 18.25
C MET B 375 5.26 -2.39 18.07
N ALA B 376 6.16 -2.57 17.11
CA ALA B 376 6.69 -3.89 16.77
C ALA B 376 7.95 -4.16 17.58
N LEU B 377 8.14 -5.42 17.97
CA LEU B 377 9.30 -5.84 18.75
C LEU B 377 10.42 -6.25 17.83
N VAL B 378 11.60 -5.72 18.11
CA VAL B 378 12.83 -5.97 17.34
C VAL B 378 13.87 -6.60 18.26
N MET B 379 14.54 -7.62 17.76
CA MET B 379 15.66 -8.26 18.45
C MET B 379 16.82 -8.35 17.47
N SER B 380 17.99 -7.89 17.89
CA SER B 380 19.12 -7.73 16.98
C SER B 380 20.46 -7.94 17.64
N ILE B 381 21.47 -8.17 16.81
CA ILE B 381 22.86 -8.16 17.24
C ILE B 381 23.66 -7.48 16.13
N TRP B 382 24.51 -6.54 16.51
CA TRP B 382 25.18 -5.69 15.53
C TRP B 382 26.43 -5.02 16.07
N ASP B 383 27.34 -4.68 15.15
CA ASP B 383 28.41 -3.74 15.43
C ASP B 383 28.09 -2.42 14.70
N ASP B 384 28.92 -1.40 14.92
CA ASP B 384 28.57 -0.03 14.59
C ASP B 384 29.66 0.55 13.71
N HIS B 385 29.39 0.62 12.40
CA HIS B 385 30.35 1.15 11.44
C HIS B 385 30.49 2.69 11.45
N ASP B 386 29.56 3.39 12.12
CA ASP B 386 29.62 4.85 12.24
C ASP B 386 30.48 5.34 13.40
N VAL B 387 30.18 4.80 14.59
CA VAL B 387 30.72 5.31 15.85
C VAL B 387 31.36 4.22 16.74
N ASN B 388 31.50 3.00 16.21
CA ASN B 388 32.19 1.90 16.92
C ASN B 388 31.64 1.57 18.31
N MET B 389 30.36 1.88 18.52
CA MET B 389 29.64 1.63 19.77
C MET B 389 30.20 2.43 20.97
N LEU B 390 30.99 3.47 20.70
CA LEU B 390 31.62 4.26 21.75
C LEU B 390 30.58 5.03 22.57
N TRP B 391 29.51 5.45 21.90
CA TRP B 391 28.33 6.07 22.54
C TRP B 391 27.69 5.20 23.65
N LEU B 392 27.81 3.89 23.52
CA LEU B 392 27.24 2.95 24.48
C LEU B 392 28.20 2.60 25.60
N ASP B 393 29.47 2.33 25.26
CA ASP B 393 30.36 1.63 26.19
C ASP B 393 31.75 2.24 26.42
N SER B 394 32.00 3.44 25.92
CA SER B 394 33.33 4.08 26.03
C SER B 394 33.16 5.58 26.33
N ASN B 395 34.16 6.37 25.98
CA ASN B 395 34.04 7.83 26.05
C ASN B 395 33.54 8.36 24.71
N TYR B 396 32.49 9.17 24.76
CA TYR B 396 31.95 9.78 23.56
C TYR B 396 31.60 11.25 23.85
N PRO B 397 32.22 12.20 23.16
CA PRO B 397 33.27 11.95 22.14
C PRO B 397 34.57 11.34 22.71
N PRO B 398 35.29 10.51 21.90
CA PRO B 398 36.55 9.86 22.33
C PRO B 398 37.60 10.81 22.89
N THR B 399 37.63 12.03 22.34
CA THR B 399 38.54 13.09 22.79
C THR B 399 38.04 13.86 24.02
N GLY B 400 36.83 13.57 24.51
CA GLY B 400 36.27 14.26 25.66
C GLY B 400 36.94 13.84 26.97
N ASN B 401 36.89 14.73 27.95
CA ASN B 401 37.39 14.44 29.27
C ASN B 401 36.41 13.47 29.94
N PRO B 402 36.87 12.27 30.34
CA PRO B 402 35.99 11.31 31.03
C PRO B 402 35.39 11.80 32.36
N SER B 403 36.00 12.80 33.00
CA SER B 403 35.44 13.41 34.20
C SER B 403 34.31 14.42 33.93
N THR B 404 34.12 14.85 32.67
CA THR B 404 32.99 15.71 32.30
C THR B 404 31.71 14.88 32.24
N PRO B 405 30.69 15.25 33.05
CA PRO B 405 29.43 14.47 33.06
C PRO B 405 28.86 14.25 31.66
N GLY B 406 28.51 13.01 31.35
CA GLY B 406 27.94 12.66 30.04
C GLY B 406 28.91 12.02 29.06
N VAL B 407 30.22 12.26 29.23
CA VAL B 407 31.22 11.74 28.31
C VAL B 407 31.43 10.24 28.49
N ALA B 408 31.68 9.80 29.72
CA ALA B 408 32.02 8.40 29.98
C ALA B 408 30.76 7.52 30.07
N ARG B 409 30.60 6.62 29.12
CA ARG B 409 29.47 5.68 29.08
C ARG B 409 29.84 4.23 29.39
N GLY B 410 31.13 3.92 29.45
CA GLY B 410 31.56 2.60 29.88
C GLY B 410 33.06 2.51 29.98
N PRO B 411 33.59 1.35 30.39
CA PRO B 411 35.03 1.16 30.60
C PRO B 411 35.83 0.79 29.34
N CYS B 412 35.16 0.64 28.19
CA CYS B 412 35.85 0.21 26.98
C CYS B 412 36.82 1.28 26.49
N PRO B 413 37.99 0.84 25.96
CA PRO B 413 38.91 1.82 25.39
C PRO B 413 38.34 2.47 24.12
N THR B 414 38.76 3.70 23.85
CA THR B 414 38.26 4.43 22.68
C THR B 414 38.74 3.85 21.34
N THR B 415 39.72 2.95 21.39
CA THR B 415 40.18 2.18 20.23
C THR B 415 39.34 0.91 19.97
N SER B 416 38.41 0.58 20.87
CA SER B 416 37.55 -0.59 20.74
C SER B 416 36.45 -0.39 19.69
N GLY B 417 35.86 -1.51 19.28
CA GLY B 417 34.64 -1.52 18.48
C GLY B 417 34.79 -1.31 16.99
N VAL B 418 36.01 -1.41 16.47
CA VAL B 418 36.24 -1.30 15.03
C VAL B 418 35.63 -2.56 14.40
N PRO B 419 34.64 -2.39 13.49
CA PRO B 419 33.92 -3.58 12.96
C PRO B 419 34.81 -4.70 12.42
N SER B 420 35.84 -4.37 11.65
CA SER B 420 36.77 -5.38 11.13
C SER B 420 37.48 -6.19 12.25
N GLU B 421 37.73 -5.56 13.40
CA GLU B 421 38.35 -6.24 14.54
C GLU B 421 37.33 -7.06 15.33
N VAL B 422 36.20 -6.46 15.69
CA VAL B 422 35.17 -7.18 16.47
C VAL B 422 34.57 -8.35 15.70
N GLU B 423 34.48 -8.25 14.38
CA GLU B 423 34.00 -9.36 13.54
C GLU B 423 34.95 -10.57 13.50
N VAL B 424 36.21 -10.39 13.86
CA VAL B 424 37.18 -11.48 14.03
C VAL B 424 37.16 -11.94 15.49
N THR B 425 37.44 -11.01 16.40
CA THR B 425 37.58 -11.29 17.84
C THR B 425 36.31 -11.81 18.51
N GLN B 426 35.14 -11.36 18.05
CA GLN B 426 33.85 -11.73 18.65
C GLN B 426 32.91 -12.44 17.69
N ALA B 427 33.49 -13.17 16.72
CA ALA B 427 32.73 -13.92 15.70
C ALA B 427 31.69 -14.85 16.31
N ASN B 428 32.02 -15.48 17.43
CA ASN B 428 31.14 -16.45 18.08
C ASN B 428 30.26 -15.87 19.19
N ALA B 429 30.18 -14.54 19.30
CA ALA B 429 29.28 -13.90 20.26
C ALA B 429 27.85 -14.26 19.90
N VAL B 430 27.04 -14.54 20.92
CA VAL B 430 25.63 -14.89 20.79
C VAL B 430 24.84 -14.18 21.87
N VAL B 431 23.81 -13.45 21.47
CA VAL B 431 22.83 -12.90 22.41
C VAL B 431 21.63 -13.84 22.51
N SER B 432 21.13 -14.04 23.72
CA SER B 432 19.92 -14.84 23.94
C SER B 432 18.87 -13.97 24.59
N PHE B 433 17.66 -14.00 24.02
CA PHE B 433 16.47 -13.34 24.57
C PHE B 433 15.43 -14.43 24.80
N GLY B 434 14.83 -14.48 25.97
CA GLY B 434 13.93 -15.58 26.29
C GLY B 434 12.93 -15.30 27.38
N ASN B 435 11.95 -16.21 27.49
CA ASN B 435 10.92 -16.15 28.50
C ASN B 435 10.30 -14.76 28.55
N ILE B 436 9.85 -14.31 27.38
CA ILE B 436 9.23 -13.00 27.21
C ILE B 436 7.87 -13.03 27.87
N LYS B 437 7.56 -12.00 28.64
CA LYS B 437 6.31 -11.88 29.37
C LYS B 437 5.77 -10.46 29.24
N PHE B 438 4.45 -10.34 29.06
CA PHE B 438 3.78 -9.06 28.80
C PHE B 438 2.44 -9.05 29.52
N GLY B 439 2.16 -7.96 30.23
CA GLY B 439 0.89 -7.83 30.93
C GLY B 439 0.79 -6.54 31.71
N PRO B 440 -0.24 -6.41 32.57
CA PRO B 440 -0.36 -5.25 33.45
C PRO B 440 0.84 -5.12 34.38
N ILE B 441 1.04 -3.91 34.89
CA ILE B 441 2.08 -3.61 35.87
C ILE B 441 1.92 -4.59 37.06
N GLY B 442 3.03 -5.21 37.44
CA GLY B 442 3.07 -6.18 38.53
C GLY B 442 2.72 -7.60 38.18
N SER B 443 2.40 -7.89 36.91
CA SER B 443 1.89 -9.21 36.52
C SER B 443 2.93 -10.21 36.03
N THR B 444 4.15 -9.76 35.67
CA THR B 444 5.11 -10.63 34.98
C THR B 444 6.15 -11.34 35.86
N VAL B 445 6.28 -10.95 37.12
CA VAL B 445 7.36 -11.44 37.97
C VAL B 445 6.78 -11.95 39.28
C1 GOL C . -12.13 8.65 -18.45
O1 GOL C . -11.36 8.40 -19.62
C2 GOL C . -13.30 7.66 -18.38
O2 GOL C . -12.78 6.35 -18.17
C3 GOL C . -14.30 8.05 -17.29
O3 GOL C . -14.02 7.41 -16.04
C1 GOL D . 1.84 4.04 38.46
O1 GOL D . 3.03 3.59 39.13
C2 GOL D . 1.27 2.95 37.56
O2 GOL D . -0.06 3.35 37.20
C3 GOL D . 1.28 1.60 38.28
O3 GOL D . 0.34 0.67 37.73
C1 GOL E . 20.42 4.59 19.20
O1 GOL E . 19.72 5.03 20.37
C2 GOL E . 19.96 3.17 18.88
O2 GOL E . 18.58 3.21 18.47
C3 GOL E . 20.83 2.52 17.80
O3 GOL E . 20.44 2.95 16.49
S SO4 F . 5.35 -5.74 42.30
O1 SO4 F . 4.30 -5.37 41.32
O2 SO4 F . 6.00 -6.98 41.84
O3 SO4 F . 4.75 -5.95 43.64
O4 SO4 F . 6.37 -4.66 42.39
#